data_4IQN
#
_entry.id   4IQN
#
_cell.length_a   62.138
_cell.length_b   95.477
_cell.length_c   69.897
_cell.angle_alpha   90.00
_cell.angle_beta   109.66
_cell.angle_gamma   90.00
#
_symmetry.space_group_name_H-M   'P 1 21 1'
#
loop_
_entity.id
_entity.type
_entity.pdbx_description
1 polymer 'Putative cytoplasmic protein'
2 polymer 'Putative cytoplasmic protein'
3 polymer 'Putative cytoplasmic protein'
4 non-polymer DI(HYDROXYETHYL)ETHER
5 non-polymer 'TETRAETHYLENE GLYCOL'
6 water water
#
loop_
_entity_poly.entity_id
_entity_poly.type
_entity_poly.pdbx_seq_one_letter_code
_entity_poly.pdbx_strand_id
1 'polypeptide(L)'
;SNA(MSE)DISLTNLIELVKKVNRNKVPTP(MSE)SAEEISRLRVRKYRDPQNTETTELPESL(MLY)ALLAYDRDLLSN
YN(MSE)PVIETLQKSIDNEGVIHSYSPDEEAYYGVG(MSE)DSSGIDIEDL(MSE)PVWSNDPRLPALIRIDHVGDQAI
FIYITERDANGEYPIAR(MSE)ERNEFWLAESSLVEYLYNIISGA(MLY)DIGFTEEDLHLPQWKAQQK(MSE)NEQRDA
ALLDLEDYHEAFWA(MLY)LDALVD
;
A
2 'polypeptide(L)'
;SNA(MSE)DISLTNLIELV(MLY)(MLY)VNRNKVPTP(MSE)SAEEISRLRVR(MLY)YRDPQNTETTELPESL(MLY)
ALLAYDRDLLSNYN(MSE)PVIETLQKSIDNEGVIHSYSPDEEAYYGVG(MSE)DSSGIDIEDL(MSE)PVWSNDPRLPA
LIRIDHVGDQAIFIYITERDANGEYPIAR(MSE)ERNEFWLAESSLVEYLYNIISGAKDIGFTEEDLHLPQW(MLY)AQQ
K(MSE)NEQRDAALLDLEDYHEAFWAKLDALVD
;
B
3 'polypeptide(L)'
;SNA(MSE)DISLTNLIELV(MLY)KVNRNKVPTP(MSE)SAEEISRLRVRKYRDPQNTETTELPESL(MLY)ALLAYDRD
LLSNYN(MSE)PVIETLQKSIDNEGVIHSYSPDEEAYYGVG(MSE)DSSGIDIEDL(MSE)PVWSNDPRLPALIRIDHVG
DQAIFIYITERDANGEYPIAR(MSE)ERNEFWLAESSLVEYLYNIISGAKDIGFTEEDLHLPQW(MLY)AQQK(MSE)NE
QRDAALLDLEDYHEAFWA(MLZ)LDALVD
;
C
#
loop_
_chem_comp.id
_chem_comp.type
_chem_comp.name
_chem_comp.formula
PEG non-polymer DI(HYDROXYETHYL)ETHER 'C4 H10 O3'
PG4 non-polymer 'TETRAETHYLENE GLYCOL' 'C8 H18 O5'
#
# COMPACT_ATOMS: atom_id res chain seq x y z
N ALA A 3 2.48 -26.43 14.69
CA ALA A 3 3.52 -27.44 15.06
C ALA A 3 4.96 -27.10 14.59
N MSE A 4 5.17 -26.05 13.79
CA MSE A 4 6.51 -25.77 13.22
C MSE A 4 7.51 -25.26 14.26
O MSE A 4 7.15 -24.45 15.11
CB MSE A 4 6.48 -24.73 12.09
CG MSE A 4 7.91 -24.48 11.57
SE MSE A 4 7.93 -23.52 9.85
CE MSE A 4 9.88 -23.25 9.73
N ASP A 5 8.77 -25.70 14.15
CA ASP A 5 9.81 -25.33 15.11
C ASP A 5 10.60 -24.12 14.60
N ILE A 6 10.46 -22.99 15.30
CA ILE A 6 11.00 -21.71 14.84
C ILE A 6 12.00 -21.06 15.81
N SER A 7 12.66 -21.92 16.57
CA SER A 7 13.70 -21.52 17.50
C SER A 7 14.91 -20.89 16.80
N LEU A 8 15.65 -20.13 17.57
CA LEU A 8 16.90 -19.60 17.07
C LEU A 8 17.89 -20.73 16.66
N THR A 9 17.92 -21.81 17.44
CA THR A 9 18.85 -22.91 17.17
C THR A 9 18.55 -23.52 15.81
N ASN A 10 17.26 -23.76 15.56
N ASN A 10 17.28 -23.77 15.53
CA ASN A 10 16.82 -24.27 14.29
CA ASN A 10 16.87 -24.28 14.23
C ASN A 10 17.18 -23.29 13.16
C ASN A 10 17.22 -23.29 13.14
N LEU A 11 16.99 -22.00 13.39
CA LEU A 11 17.29 -20.99 12.38
C LEU A 11 18.77 -21.03 11.97
N ILE A 12 19.66 -21.13 12.94
CA ILE A 12 21.07 -21.15 12.63
C ILE A 12 21.45 -22.40 11.81
N GLU A 13 20.87 -23.57 12.12
CA GLU A 13 21.10 -24.75 11.28
C GLU A 13 20.70 -24.49 9.84
N LEU A 14 19.57 -23.81 9.64
CA LEU A 14 19.13 -23.47 8.29
C LEU A 14 20.05 -22.43 7.66
N VAL A 15 20.54 -21.47 8.44
CA VAL A 15 21.47 -20.47 7.91
C VAL A 15 22.77 -21.16 7.48
N LYS A 16 23.29 -22.05 8.32
CA LYS A 16 24.46 -22.89 7.95
C LYS A 16 24.21 -23.66 6.65
N LYS A 17 22.98 -24.06 6.46
CA LYS A 17 22.62 -24.85 5.30
C LYS A 17 22.64 -24.07 4.00
N VAL A 18 22.19 -22.82 4.00
CA VAL A 18 22.11 -22.02 2.76
C VAL A 18 23.33 -21.11 2.51
N ASN A 19 24.19 -20.93 3.51
CA ASN A 19 25.24 -19.93 3.46
C ASN A 19 26.10 -20.07 2.20
N ARG A 20 26.20 -19.00 1.44
CA ARG A 20 26.93 -18.99 0.20
C ARG A 20 28.36 -18.49 0.39
N ASN A 21 28.68 -18.03 1.60
CA ASN A 21 30.01 -17.55 1.91
C ASN A 21 30.96 -18.71 2.09
N LYS A 22 31.98 -18.73 1.25
CA LYS A 22 32.94 -19.81 1.22
C LYS A 22 34.02 -19.64 2.31
N VAL A 23 34.09 -18.48 2.95
CA VAL A 23 35.08 -18.27 4.03
C VAL A 23 34.40 -17.83 5.34
N PRO A 24 33.78 -18.80 6.05
CA PRO A 24 33.02 -18.42 7.24
C PRO A 24 33.93 -17.84 8.28
N THR A 25 33.51 -16.76 8.92
CA THR A 25 34.35 -16.05 9.89
C THR A 25 33.57 -15.75 11.17
N PRO A 26 33.47 -16.73 12.07
CA PRO A 26 32.75 -16.46 13.30
C PRO A 26 33.49 -15.48 14.16
N MSE A 27 32.73 -14.68 14.92
CA MSE A 27 33.29 -13.90 16.03
C MSE A 27 33.41 -14.87 17.15
O MSE A 27 32.59 -15.79 17.25
CB MSE A 27 32.38 -12.75 16.43
CG MSE A 27 32.57 -11.64 15.44
SE MSE A 27 31.70 -9.94 15.94
CE MSE A 27 31.45 -9.95 17.87
N SER A 28 34.41 -14.70 18.03
CA SER A 28 34.50 -15.57 19.19
C SER A 28 33.41 -15.17 20.23
N ALA A 29 33.15 -16.08 21.13
CA ALA A 29 32.26 -15.86 22.29
C ALA A 29 32.64 -14.61 23.08
N GLU A 30 33.95 -14.45 23.31
CA GLU A 30 34.47 -13.32 24.07
C GLU A 30 34.12 -11.99 23.38
N GLU A 31 34.40 -11.90 22.08
CA GLU A 31 34.09 -10.70 21.29
C GLU A 31 32.58 -10.40 21.32
N ILE A 32 31.77 -11.45 21.13
CA ILE A 32 30.33 -11.31 21.11
C ILE A 32 29.82 -10.84 22.46
N SER A 33 30.42 -11.33 23.55
CA SER A 33 30.03 -10.93 24.91
C SER A 33 30.20 -9.47 25.24
N ARG A 34 31.17 -8.82 24.61
CA ARG A 34 31.46 -7.40 24.84
C ARG A 34 30.45 -6.48 24.13
N LEU A 35 29.73 -6.99 23.15
CA LEU A 35 28.91 -6.14 22.29
C LEU A 35 27.69 -5.58 23.02
N ARG A 36 27.44 -4.31 22.75
CA ARG A 36 26.25 -3.60 23.21
C ARG A 36 25.77 -2.75 22.04
N VAL A 37 24.57 -2.21 22.12
CA VAL A 37 24.09 -1.29 21.09
C VAL A 37 23.59 0.00 21.76
N ARG A 38 23.86 1.16 21.16
CA ARG A 38 23.20 2.39 21.59
C ARG A 38 21.68 2.23 21.66
N LYS A 39 21.06 2.78 22.71
CA LYS A 39 19.61 2.69 22.90
C LYS A 39 18.85 3.69 22.02
N TYR A 40 19.46 4.84 21.74
CA TYR A 40 18.75 5.94 21.07
C TYR A 40 19.42 6.35 19.77
N ARG A 41 18.62 6.94 18.89
CA ARG A 41 19.14 7.46 17.65
C ARG A 41 20.10 8.65 17.85
N ASP A 42 19.81 9.46 18.84
CA ASP A 42 20.64 10.66 19.17
C ASP A 42 22.12 10.28 19.41
N PRO A 43 23.01 10.67 18.49
CA PRO A 43 24.42 10.28 18.63
C PRO A 43 25.08 10.73 19.93
N GLN A 44 24.58 11.81 20.54
CA GLN A 44 25.21 12.33 21.79
C GLN A 44 24.72 11.58 23.03
N ASN A 45 23.68 10.77 22.89
CA ASN A 45 23.17 9.99 24.01
C ASN A 45 23.94 8.68 24.12
N THR A 46 24.74 8.49 25.17
CA THR A 46 25.63 7.32 25.23
C THR A 46 25.00 6.06 25.89
N GLU A 47 23.72 6.12 26.25
CA GLU A 47 23.07 4.98 26.87
C GLU A 47 23.09 3.81 25.92
N THR A 48 23.39 2.65 26.45
CA THR A 48 23.40 1.42 25.64
C THR A 48 22.43 0.40 26.21
N THR A 49 22.17 -0.63 25.41
CA THR A 49 21.29 -1.71 25.80
C THR A 49 21.78 -3.00 25.12
N GLU A 50 21.03 -4.10 25.28
CA GLU A 50 21.47 -5.42 24.80
C GLU A 50 21.19 -5.64 23.32
N LEU A 51 22.06 -6.41 22.67
CA LEU A 51 21.82 -6.87 21.31
C LEU A 51 20.67 -7.87 21.34
N PRO A 52 19.95 -8.03 20.21
CA PRO A 52 19.01 -9.12 20.19
C PRO A 52 19.74 -10.46 20.05
N GLU A 53 19.13 -11.54 20.55
CA GLU A 53 19.74 -12.85 20.56
C GLU A 53 20.10 -13.37 19.17
N SER A 54 19.23 -13.11 18.20
CA SER A 54 19.45 -13.53 16.82
C SER A 54 20.75 -12.97 16.26
N LEU A 55 21.00 -11.69 16.48
CA LEU A 55 22.21 -11.06 15.94
C LEU A 55 23.48 -11.68 16.57
N MLY A 56 23.44 -11.93 17.86
CA MLY A 56 24.57 -12.60 18.53
CB MLY A 56 24.41 -12.71 20.04
CG MLY A 56 24.24 -11.39 20.77
CD MLY A 56 23.64 -11.77 22.12
CE MLY A 56 23.56 -10.69 23.16
NZ MLY A 56 22.86 -11.23 24.33
CH1 MLY A 56 23.77 -11.97 25.24
CH2 MLY A 56 22.30 -10.06 25.03
C MLY A 56 24.81 -13.99 17.99
O MLY A 56 25.96 -14.38 17.79
N ALA A 57 23.74 -14.74 17.72
CA ALA A 57 23.89 -16.09 17.19
C ALA A 57 24.45 -16.08 15.75
N LEU A 58 23.98 -15.13 14.92
CA LEU A 58 24.53 -14.97 13.58
C LEU A 58 26.05 -14.61 13.60
N LEU A 59 26.44 -13.65 14.43
CA LEU A 59 27.85 -13.25 14.55
C LEU A 59 28.73 -14.37 15.05
N ALA A 60 28.17 -15.22 15.90
CA ALA A 60 28.88 -16.38 16.40
C ALA A 60 29.10 -17.45 15.33
N TYR A 61 28.37 -17.38 14.21
CA TYR A 61 28.46 -18.41 13.21
C TYR A 61 29.35 -17.92 12.05
N ASP A 62 29.03 -16.76 11.49
CA ASP A 62 29.75 -16.24 10.37
C ASP A 62 29.40 -14.78 10.17
N ARG A 63 30.35 -13.91 10.50
CA ARG A 63 30.10 -12.47 10.40
C ARG A 63 29.96 -12.04 8.94
N ASP A 64 30.31 -12.93 8.02
CA ASP A 64 30.32 -12.65 6.59
C ASP A 64 29.32 -13.54 5.80
N LEU A 65 28.31 -14.05 6.50
CA LEU A 65 27.34 -14.95 5.88
C LEU A 65 26.64 -14.29 4.70
N LEU A 66 26.27 -15.12 3.74
CA LEU A 66 25.55 -14.74 2.53
C LEU A 66 24.33 -15.65 2.47
N SER A 67 23.15 -15.06 2.28
CA SER A 67 21.94 -15.82 2.24
C SER A 67 21.86 -16.68 0.99
N ASN A 68 20.79 -17.47 0.92
CA ASN A 68 20.39 -18.16 -0.30
C ASN A 68 20.28 -17.25 -1.54
N TYR A 69 20.14 -15.95 -1.33
CA TYR A 69 20.19 -14.96 -2.40
C TYR A 69 21.60 -14.55 -2.82
N ASN A 70 22.61 -15.14 -2.20
CA ASN A 70 24.00 -14.80 -2.39
C ASN A 70 24.28 -13.32 -2.08
N MSE A 71 23.65 -12.82 -1.03
N MSE A 71 23.64 -12.84 -1.03
CA MSE A 71 23.78 -11.41 -0.62
CA MSE A 71 23.71 -11.42 -0.60
C MSE A 71 23.91 -11.36 0.88
C MSE A 71 23.95 -11.40 0.89
O MSE A 71 23.36 -12.21 1.58
O MSE A 71 23.52 -12.31 1.59
CB MSE A 71 22.56 -10.59 -1.07
CB MSE A 71 22.36 -10.72 -0.85
CG MSE A 71 22.29 -10.78 -2.55
CG MSE A 71 21.94 -10.63 -2.31
SE MSE A 71 20.74 -9.72 -3.14
SE MSE A 71 23.03 -9.27 -3.24
CE MSE A 71 21.35 -7.95 -2.56
CE MSE A 71 22.01 -7.63 -2.83
N PRO A 72 24.62 -10.36 1.41
CA PRO A 72 24.85 -10.28 2.83
C PRO A 72 23.61 -9.93 3.65
N VAL A 73 23.71 -10.05 4.98
CA VAL A 73 22.63 -9.72 5.90
C VAL A 73 23.10 -8.77 6.99
N ILE A 74 24.29 -9.05 7.52
CA ILE A 74 24.78 -8.32 8.68
C ILE A 74 26.11 -7.62 8.39
N GLU A 75 26.32 -7.21 7.14
CA GLU A 75 27.57 -6.57 6.74
C GLU A 75 27.67 -5.12 7.20
N THR A 76 26.68 -4.33 6.84
CA THR A 76 26.69 -2.89 7.09
C THR A 76 26.83 -2.56 8.58
N LEU A 77 26.16 -3.34 9.42
CA LEU A 77 26.09 -3.01 10.85
C LEU A 77 27.48 -3.06 11.48
N GLN A 78 28.37 -3.84 10.87
CA GLN A 78 29.74 -3.98 11.45
C GLN A 78 30.57 -2.69 11.29
N LYS A 79 30.17 -1.83 10.35
CA LYS A 79 30.77 -0.53 10.16
C LYS A 79 30.45 0.40 11.34
N SER A 80 29.48 0.02 12.19
CA SER A 80 29.03 0.88 13.30
C SER A 80 29.62 0.51 14.67
N ILE A 81 30.40 -0.55 14.71
CA ILE A 81 30.93 -1.10 15.95
C ILE A 81 32.20 -0.32 16.32
N ASP A 82 32.21 0.30 17.50
CA ASP A 82 33.41 0.98 17.97
C ASP A 82 34.38 0.07 18.73
N ASN A 83 35.51 0.65 19.18
CA ASN A 83 36.50 0.02 20.04
C ASN A 83 36.05 -0.65 21.31
N GLU A 84 35.04 -0.06 21.92
N GLU A 84 35.07 -0.03 21.96
CA GLU A 84 34.49 -0.54 23.18
CA GLU A 84 34.50 -0.53 23.21
C GLU A 84 33.49 -1.66 22.93
C GLU A 84 33.38 -1.55 22.93
N GLY A 85 33.23 -1.93 21.66
CA GLY A 85 32.20 -2.91 21.28
C GLY A 85 30.77 -2.40 21.21
N VAL A 86 30.60 -1.08 21.22
CA VAL A 86 29.28 -0.49 21.14
C VAL A 86 28.91 -0.28 19.68
N ILE A 87 27.75 -0.82 19.29
CA ILE A 87 27.16 -0.56 17.96
C ILE A 87 26.45 0.78 18.02
N HIS A 88 26.98 1.76 17.30
CA HIS A 88 26.37 3.10 17.24
C HIS A 88 25.13 3.02 16.34
N SER A 89 24.16 3.87 16.60
CA SER A 89 22.92 3.88 15.84
C SER A 89 23.17 4.24 14.38
N TYR A 90 22.34 3.65 13.52
CA TYR A 90 22.26 4.04 12.15
C TYR A 90 21.15 5.07 12.06
N SER A 91 21.23 5.93 11.08
CA SER A 91 20.17 6.92 10.87
C SER A 91 19.80 6.83 9.40
N PRO A 92 18.49 6.82 9.10
CA PRO A 92 18.08 6.56 7.75
C PRO A 92 18.03 7.77 6.81
N ASP A 93 18.90 8.75 6.99
CA ASP A 93 18.81 9.95 6.17
C ASP A 93 19.08 9.67 4.67
N GLU A 94 20.03 8.77 4.34
N GLU A 94 20.04 8.80 4.33
CA GLU A 94 20.36 8.50 2.93
CA GLU A 94 20.36 8.53 2.92
C GLU A 94 19.20 7.82 2.23
C GLU A 94 19.19 7.83 2.23
N GLU A 95 18.63 6.84 2.91
CA GLU A 95 17.45 6.12 2.39
C GLU A 95 16.29 7.10 2.20
N ALA A 96 16.10 8.01 3.16
CA ALA A 96 15.06 9.05 3.06
C ALA A 96 15.26 10.02 1.92
N TYR A 97 16.50 10.44 1.76
CA TYR A 97 16.89 11.34 0.70
C TYR A 97 16.66 10.72 -0.68
N TYR A 98 17.14 9.50 -0.85
CA TYR A 98 16.89 8.73 -2.09
C TYR A 98 15.37 8.51 -2.28
N GLY A 99 14.63 8.38 -1.18
CA GLY A 99 13.20 8.08 -1.24
C GLY A 99 12.34 9.14 -1.90
N VAL A 100 12.75 10.40 -1.77
CA VAL A 100 12.03 11.48 -2.45
C VAL A 100 12.76 11.92 -3.70
N GLY A 101 13.67 11.06 -4.18
CA GLY A 101 14.38 11.25 -5.43
C GLY A 101 15.49 12.32 -5.41
N MSE A 102 15.92 12.76 -4.22
CA MSE A 102 16.90 13.87 -4.18
C MSE A 102 18.29 13.46 -4.55
O MSE A 102 19.16 14.30 -4.70
CB MSE A 102 16.90 14.61 -2.84
CG MSE A 102 15.58 15.31 -2.56
SE MSE A 102 15.39 16.83 -3.74
CE MSE A 102 16.74 18.03 -2.97
N ASP A 103 18.52 12.16 -4.75
CA ASP A 103 19.81 11.70 -5.25
C ASP A 103 20.11 12.23 -6.66
N SER A 104 19.11 12.66 -7.41
CA SER A 104 19.33 13.23 -8.73
C SER A 104 19.29 14.74 -8.72
N SER A 105 19.20 15.37 -7.55
CA SER A 105 19.09 16.84 -7.46
C SER A 105 20.40 17.55 -7.68
N GLY A 106 21.53 16.86 -7.50
CA GLY A 106 22.85 17.49 -7.51
C GLY A 106 23.17 18.29 -6.25
N ILE A 107 22.33 18.17 -5.23
CA ILE A 107 22.51 18.82 -3.94
C ILE A 107 23.03 17.76 -3.01
N ASP A 108 24.18 18.02 -2.39
CA ASP A 108 24.79 17.13 -1.41
C ASP A 108 23.86 16.99 -0.20
N ILE A 109 23.65 15.75 0.25
CA ILE A 109 22.77 15.48 1.38
C ILE A 109 23.16 16.33 2.61
N GLU A 110 24.45 16.53 2.80
CA GLU A 110 24.97 17.29 3.95
C GLU A 110 24.34 18.69 4.02
N ASP A 111 24.11 19.31 2.88
CA ASP A 111 23.48 20.65 2.82
C ASP A 111 22.01 20.64 3.26
N LEU A 112 21.38 19.47 3.29
CA LEU A 112 19.95 19.41 3.64
C LEU A 112 19.63 18.65 4.94
N MSE A 113 20.68 18.28 5.69
CA MSE A 113 20.55 17.62 6.98
C MSE A 113 19.89 18.52 8.00
O MSE A 113 20.16 19.73 7.98
CB MSE A 113 21.90 17.03 7.44
CG MSE A 113 22.23 15.84 6.55
SE MSE A 113 21.22 14.20 6.96
CE MSE A 113 22.01 13.83 8.72
N PRO A 114 19.28 17.94 9.03
CA PRO A 114 18.62 16.65 9.03
C PRO A 114 17.54 16.37 8.01
N VAL A 115 17.62 15.20 7.38
CA VAL A 115 16.61 14.80 6.41
C VAL A 115 15.41 14.16 7.14
N TRP A 116 15.69 13.17 7.97
CA TRP A 116 14.70 12.49 8.79
C TRP A 116 14.60 13.16 10.13
N SER A 117 13.52 12.90 10.85
CA SER A 117 13.30 13.43 12.18
C SER A 117 14.50 13.13 13.08
N ASN A 118 14.81 14.08 13.95
CA ASN A 118 15.85 13.86 14.98
C ASN A 118 15.25 14.00 16.38
N ASP A 119 13.96 13.71 16.50
CA ASP A 119 13.31 13.81 17.80
C ASP A 119 14.12 13.01 18.84
N PRO A 120 14.34 13.57 20.03
CA PRO A 120 15.20 12.93 21.03
C PRO A 120 14.70 11.57 21.59
N ARG A 121 13.41 11.28 21.41
CA ARG A 121 12.84 10.00 21.78
C ARG A 121 13.13 8.86 20.80
N LEU A 122 13.62 9.16 19.60
CA LEU A 122 13.72 8.12 18.54
C LEU A 122 14.68 7.01 19.00
N PRO A 123 14.29 5.74 18.77
CA PRO A 123 15.15 4.65 19.16
C PRO A 123 16.28 4.45 18.17
N ALA A 124 17.32 3.77 18.61
CA ALA A 124 18.41 3.37 17.72
C ALA A 124 17.94 2.44 16.64
N LEU A 125 18.71 2.37 15.57
CA LEU A 125 18.47 1.44 14.45
C LEU A 125 19.74 0.68 14.17
N ILE A 126 19.59 -0.58 13.82
CA ILE A 126 20.65 -1.38 13.25
C ILE A 126 20.24 -1.70 11.84
N ARG A 127 21.09 -1.36 10.88
CA ARG A 127 20.76 -1.62 9.47
C ARG A 127 21.01 -3.07 9.15
N ILE A 128 20.06 -3.69 8.46
CA ILE A 128 20.19 -5.06 7.94
C ILE A 128 20.24 -4.99 6.42
N ASP A 129 21.15 -5.75 5.81
CA ASP A 129 21.33 -5.73 4.38
C ASP A 129 20.24 -6.64 3.78
N HIS A 130 19.57 -6.13 2.77
CA HIS A 130 18.34 -6.73 2.27
C HIS A 130 18.54 -7.25 0.86
N VAL A 131 17.62 -8.11 0.42
CA VAL A 131 17.73 -8.78 -0.85
C VAL A 131 17.01 -8.01 -1.96
N GLY A 132 16.27 -6.97 -1.59
CA GLY A 132 15.56 -6.10 -2.54
C GLY A 132 15.84 -4.62 -2.28
N ASP A 133 14.97 -3.76 -2.83
CA ASP A 133 15.13 -2.32 -2.80
C ASP A 133 14.83 -1.72 -1.42
N GLN A 134 14.01 -2.38 -0.63
CA GLN A 134 13.64 -1.80 0.67
C GLN A 134 14.83 -1.76 1.63
N ALA A 135 14.75 -0.85 2.58
CA ALA A 135 15.68 -0.84 3.74
C ALA A 135 15.05 -1.62 4.88
N ILE A 136 15.88 -2.37 5.63
CA ILE A 136 15.42 -3.17 6.71
C ILE A 136 16.25 -2.74 7.93
N PHE A 137 15.59 -2.61 9.11
CA PHE A 137 16.30 -2.17 10.33
C PHE A 137 15.81 -3.00 11.50
N ILE A 138 16.70 -3.26 12.43
CA ILE A 138 16.30 -3.70 13.71
C ILE A 138 15.98 -2.44 14.50
N TYR A 139 14.80 -2.43 15.10
CA TYR A 139 14.24 -1.25 15.77
C TYR A 139 14.51 -1.40 17.25
N ILE A 140 15.49 -0.63 17.77
CA ILE A 140 16.00 -0.88 19.11
C ILE A 140 15.15 -0.18 20.17
N THR A 141 14.06 -0.83 20.57
CA THR A 141 13.15 -0.34 21.57
C THR A 141 13.29 -1.25 22.77
N GLU A 142 12.49 -2.30 22.84
CA GLU A 142 12.51 -3.20 23.99
C GLU A 142 12.55 -4.61 23.44
N ARG A 143 13.32 -5.47 24.08
CA ARG A 143 13.33 -6.89 23.71
C ARG A 143 12.10 -7.63 24.22
N ASP A 144 11.68 -8.63 23.45
CA ASP A 144 10.55 -9.43 23.77
C ASP A 144 10.96 -10.67 24.53
N ALA A 145 10.03 -11.60 24.72
CA ALA A 145 10.27 -12.81 25.52
C ALA A 145 11.38 -13.69 24.99
N ASN A 146 11.66 -13.62 23.70
CA ASN A 146 12.74 -14.36 23.04
C ASN A 146 14.01 -13.56 22.90
N GLY A 147 14.05 -12.36 23.49
CA GLY A 147 15.24 -11.51 23.38
C GLY A 147 15.42 -10.83 22.03
N GLU A 148 14.31 -10.56 21.33
CA GLU A 148 14.33 -9.95 20.03
C GLU A 148 13.74 -8.55 20.03
N TYR A 149 14.20 -7.73 19.11
CA TYR A 149 13.61 -6.44 18.81
C TYR A 149 12.76 -6.55 17.54
N PRO A 150 11.87 -5.58 17.31
CA PRO A 150 11.11 -5.63 16.04
C PRO A 150 11.98 -5.30 14.83
N ILE A 151 11.48 -5.62 13.63
CA ILE A 151 12.04 -5.16 12.38
C ILE A 151 11.20 -3.99 11.86
N ALA A 152 11.87 -3.00 11.32
CA ALA A 152 11.23 -1.89 10.59
C ALA A 152 11.66 -1.97 9.14
N ARG A 153 10.77 -1.51 8.26
CA ARG A 153 11.02 -1.41 6.85
C ARG A 153 10.84 0.02 6.35
N MSE A 154 11.60 0.37 5.32
CA MSE A 154 11.45 1.67 4.66
C MSE A 154 11.48 1.49 3.16
O MSE A 154 12.37 0.88 2.60
CB MSE A 154 12.47 2.68 5.18
CG MSE A 154 12.42 3.99 4.43
SE MSE A 154 13.69 5.16 5.29
CE MSE A 154 12.82 6.84 4.82
N GLU A 155 10.50 2.06 2.51
CA GLU A 155 10.45 2.04 1.05
C GLU A 155 10.03 3.40 0.58
N ARG A 156 10.79 3.96 -0.34
CA ARG A 156 10.67 5.36 -0.73
C ARG A 156 10.49 6.22 0.52
N ASN A 157 9.38 6.92 0.64
CA ASN A 157 9.16 7.79 1.77
C ASN A 157 8.49 7.17 2.96
N GLU A 158 8.20 5.87 2.93
N GLU A 158 8.19 5.88 2.95
CA GLU A 158 7.39 5.21 3.96
CA GLU A 158 7.32 5.31 3.99
C GLU A 158 8.28 4.42 4.93
C GLU A 158 8.10 4.30 4.90
N PHE A 159 7.93 4.45 6.21
CA PHE A 159 8.69 3.72 7.24
C PHE A 159 7.69 3.07 8.18
N TRP A 160 7.80 1.77 8.40
CA TRP A 160 6.84 1.04 9.24
C TRP A 160 7.41 -0.18 9.97
N LEU A 161 6.79 -0.55 11.07
CA LEU A 161 7.12 -1.79 11.77
C LEU A 161 6.54 -2.96 11.00
N ALA A 162 7.39 -3.95 10.79
CA ALA A 162 7.07 -5.05 9.92
C ALA A 162 7.19 -6.41 10.68
N GLU A 163 8.15 -7.27 10.35
CA GLU A 163 8.33 -8.54 11.02
C GLU A 163 8.52 -8.39 12.55
N SER A 164 8.12 -9.45 13.25
CA SER A 164 8.16 -9.51 14.70
C SER A 164 9.63 -9.39 15.16
N SER A 165 10.56 -9.92 14.36
CA SER A 165 11.98 -9.94 14.67
C SER A 165 12.80 -10.33 13.47
N LEU A 166 14.13 -10.22 13.63
CA LEU A 166 15.08 -10.73 12.67
C LEU A 166 14.89 -12.25 12.40
N VAL A 167 14.44 -12.99 13.41
CA VAL A 167 14.16 -14.41 13.24
C VAL A 167 13.06 -14.63 12.20
N GLU A 168 11.95 -13.94 12.33
CA GLU A 168 10.88 -14.03 11.34
C GLU A 168 11.36 -13.58 9.96
N TYR A 169 12.09 -12.46 9.91
CA TYR A 169 12.62 -11.95 8.67
C TYR A 169 13.46 -13.02 7.97
N LEU A 170 14.38 -13.65 8.70
CA LEU A 170 15.27 -14.62 8.08
C LEU A 170 14.56 -15.91 7.65
N TYR A 171 13.61 -16.40 8.44
CA TYR A 171 12.85 -17.58 8.02
C TYR A 171 12.19 -17.32 6.68
N ASN A 172 11.68 -16.10 6.51
CA ASN A 172 11.04 -15.74 5.25
C ASN A 172 12.08 -15.68 4.10
N ILE A 173 13.25 -15.08 4.35
CA ILE A 173 14.30 -15.04 3.33
C ILE A 173 14.67 -16.45 2.87
N ILE A 174 14.87 -17.33 3.84
N ILE A 174 14.91 -17.36 3.80
CA ILE A 174 15.34 -18.68 3.59
CA ILE A 174 15.38 -18.69 3.42
C ILE A 174 14.29 -19.62 2.99
C ILE A 174 14.28 -19.61 2.91
N SER A 175 13.01 -19.25 3.09
CA SER A 175 11.89 -20.11 2.63
C SER A 175 11.91 -20.41 1.14
N GLY A 176 12.51 -19.54 0.34
CA GLY A 176 12.52 -19.72 -1.11
C GLY A 176 13.45 -20.82 -1.58
N ALA A 177 14.38 -21.24 -0.72
CA ALA A 177 15.24 -22.36 -1.06
C ALA A 177 14.36 -23.62 -1.19
N MLY A 178 14.58 -24.37 -2.24
CA MLY A 178 13.73 -25.57 -2.52
CB MLY A 178 13.91 -26.25 -3.88
CG MLY A 178 13.76 -25.28 -5.03
CD MLY A 178 12.39 -24.67 -5.05
CE MLY A 178 12.16 -23.93 -6.37
NZ MLY A 178 10.97 -23.06 -6.24
CH1 MLY A 178 10.85 -22.24 -7.47
CH2 MLY A 178 9.68 -23.74 -5.81
C MLY A 178 13.92 -26.69 -1.56
O MLY A 178 12.91 -27.35 -1.23
N ASP A 179 15.16 -26.94 -1.13
CA ASP A 179 15.41 -28.11 -0.31
C ASP A 179 15.27 -27.80 1.17
N ILE A 180 14.67 -26.68 1.51
CA ILE A 180 14.73 -26.19 2.90
C ILE A 180 13.63 -26.78 3.79
N GLY A 181 12.61 -27.40 3.21
CA GLY A 181 11.60 -28.09 4.03
C GLY A 181 10.30 -27.34 4.32
N PHE A 182 10.21 -26.09 3.88
CA PHE A 182 9.02 -25.29 4.10
C PHE A 182 8.95 -24.19 3.02
N THR A 183 7.78 -23.55 2.93
CA THR A 183 7.60 -22.39 2.07
C THR A 183 7.02 -21.23 2.88
N GLU A 184 6.85 -20.10 2.21
CA GLU A 184 6.25 -18.90 2.78
C GLU A 184 4.85 -19.18 3.35
N GLU A 185 4.14 -20.17 2.79
CA GLU A 185 2.79 -20.49 3.26
C GLU A 185 2.77 -21.11 4.64
N ASP A 186 3.93 -21.60 5.11
CA ASP A 186 4.06 -22.18 6.43
C ASP A 186 4.45 -21.16 7.50
N LEU A 187 4.62 -19.91 7.11
CA LEU A 187 5.17 -18.88 8.02
C LEU A 187 4.15 -17.88 8.56
N HIS A 188 2.87 -18.21 8.45
CA HIS A 188 1.82 -17.37 9.06
C HIS A 188 1.56 -17.87 10.47
N LEU A 189 2.50 -17.64 11.38
CA LEU A 189 2.43 -18.20 12.70
C LEU A 189 1.76 -17.23 13.66
N PRO A 190 0.79 -17.73 14.48
CA PRO A 190 0.05 -16.83 15.38
C PRO A 190 0.95 -16.19 16.38
N GLN A 191 2.01 -16.86 16.77
CA GLN A 191 2.90 -16.23 17.80
C GLN A 191 3.63 -15.03 17.25
N TRP A 192 3.99 -15.07 15.96
CA TRP A 192 4.56 -13.92 15.29
C TRP A 192 3.59 -12.77 15.16
N LYS A 193 2.36 -13.06 14.70
CA LYS A 193 1.35 -12.00 14.60
C LYS A 193 1.09 -11.34 15.97
N ALA A 194 1.02 -12.16 17.00
CA ALA A 194 0.78 -11.69 18.37
C ALA A 194 1.91 -10.78 18.84
N GLN A 195 3.15 -11.14 18.52
CA GLN A 195 4.28 -10.27 18.90
C GLN A 195 4.29 -8.97 18.09
N GLN A 196 3.96 -9.04 16.81
CA GLN A 196 3.84 -7.84 15.99
C GLN A 196 2.81 -6.89 16.56
N LYS A 197 1.65 -7.42 16.92
CA LYS A 197 0.60 -6.60 17.56
C LYS A 197 1.10 -5.95 18.86
N MSE A 198 1.79 -6.72 19.71
CA MSE A 198 2.38 -6.18 20.95
C MSE A 198 3.38 -5.07 20.65
O MSE A 198 3.41 -4.04 21.35
CB MSE A 198 3.09 -7.31 21.70
CG MSE A 198 2.18 -8.20 22.57
SE MSE A 198 3.22 -9.39 23.79
CE MSE A 198 4.09 -7.87 24.72
N ASN A 199 4.21 -5.29 19.63
CA ASN A 199 5.30 -4.39 19.28
C ASN A 199 4.71 -3.08 18.82
N GLU A 200 3.66 -3.15 18.00
CA GLU A 200 3.04 -1.95 17.48
C GLU A 200 2.36 -1.13 18.55
N GLN A 201 1.71 -1.78 19.49
N GLN A 201 1.69 -1.80 19.49
CA GLN A 201 1.08 -1.08 20.59
CA GLN A 201 1.04 -1.17 20.64
C GLN A 201 2.15 -0.39 21.42
C GLN A 201 2.05 -0.50 21.58
N ARG A 202 3.19 -1.16 21.76
CA ARG A 202 4.23 -0.69 22.65
C ARG A 202 5.02 0.48 22.06
N ASP A 203 5.33 0.42 20.77
CA ASP A 203 6.21 1.37 20.11
C ASP A 203 5.49 2.41 19.24
N ALA A 204 4.16 2.45 19.31
CA ALA A 204 3.36 3.31 18.43
C ALA A 204 3.72 4.79 18.52
N ALA A 205 4.05 5.26 19.72
CA ALA A 205 4.30 6.68 19.92
C ALA A 205 5.63 7.06 19.29
N LEU A 206 6.56 6.11 19.24
CA LEU A 206 7.82 6.32 18.58
C LEU A 206 7.71 6.24 17.07
N LEU A 207 6.95 5.29 16.56
CA LEU A 207 6.77 5.16 15.12
C LEU A 207 6.12 6.41 14.56
N ASP A 208 5.25 7.01 15.35
N ASP A 208 5.22 6.99 15.35
CA ASP A 208 4.58 8.21 14.96
CA ASP A 208 4.57 8.26 14.98
C ASP A 208 5.57 9.35 14.71
C ASP A 208 5.60 9.33 14.65
N LEU A 209 6.76 9.28 15.31
CA LEU A 209 7.82 10.28 15.08
C LEU A 209 8.67 10.04 13.82
N GLU A 210 8.56 8.87 13.20
CA GLU A 210 9.41 8.52 12.03
C GLU A 210 8.87 9.16 10.76
N ASP A 211 9.40 10.29 10.39
CA ASP A 211 9.01 11.01 9.16
C ASP A 211 10.12 11.98 8.88
N TYR A 212 10.03 12.57 7.70
CA TYR A 212 10.91 13.65 7.27
C TYR A 212 10.83 14.76 8.26
N HIS A 213 11.97 15.39 8.44
CA HIS A 213 12.08 16.57 9.33
C HIS A 213 11.36 17.75 8.73
N GLU A 214 10.68 18.51 9.57
CA GLU A 214 10.07 19.76 9.13
C GLU A 214 11.04 20.71 8.49
N ALA A 215 12.27 20.74 9.02
CA ALA A 215 13.26 21.66 8.49
C ALA A 215 13.74 21.23 7.09
N PHE A 216 13.69 19.94 6.80
CA PHE A 216 13.98 19.45 5.47
C PHE A 216 12.95 20.00 4.43
N TRP A 217 11.66 19.90 4.74
CA TRP A 217 10.62 20.46 3.88
C TRP A 217 10.81 21.97 3.70
N ALA A 218 11.16 22.67 4.79
CA ALA A 218 11.37 24.13 4.76
C ALA A 218 12.52 24.51 3.79
N MLY A 219 13.63 23.77 3.86
CA MLY A 219 14.76 23.99 2.99
CB MLY A 219 15.98 23.20 3.42
CG MLY A 219 16.53 23.70 4.76
CD MLY A 219 17.51 22.72 5.38
CE MLY A 219 17.76 23.09 6.85
NZ MLY A 219 18.79 22.27 7.50
CH1 MLY A 219 20.11 22.46 6.84
CH2 MLY A 219 18.89 22.74 8.91
C MLY A 219 14.40 23.68 1.56
O MLY A 219 14.73 24.45 0.67
N LEU A 220 13.69 22.58 1.31
CA LEU A 220 13.27 22.25 -0.05
C LEU A 220 12.35 23.31 -0.64
N ASP A 221 11.42 23.81 0.17
CA ASP A 221 10.49 24.86 -0.26
C ASP A 221 11.22 26.15 -0.57
N ALA A 222 12.27 26.42 0.17
CA ALA A 222 13.04 27.65 -0.04
C ALA A 222 13.95 27.59 -1.28
N LEU A 223 14.19 26.41 -1.87
CA LEU A 223 15.12 26.30 -3.00
C LEU A 223 14.63 27.10 -4.19
N VAL A 224 15.56 27.65 -4.97
CA VAL A 224 15.25 28.21 -6.30
C VAL A 224 16.14 27.55 -7.35
N MSE B 4 5.62 -1.63 -8.47
CA MSE B 4 4.65 -2.77 -8.57
C MSE B 4 3.25 -2.25 -8.31
O MSE B 4 2.90 -1.95 -7.17
CB MSE B 4 5.10 -3.88 -7.59
CG MSE B 4 3.99 -4.84 -7.19
SE MSE B 4 4.48 -6.75 -7.42
CE MSE B 4 2.60 -7.29 -7.63
N ASP B 5 2.44 -2.14 -9.38
CA ASP B 5 1.09 -1.51 -9.33
C ASP B 5 0.00 -2.50 -8.88
N ILE B 6 -0.45 -2.31 -7.64
CA ILE B 6 -1.48 -3.12 -7.06
C ILE B 6 -2.84 -2.50 -7.32
N SER B 7 -3.77 -3.31 -7.79
CA SER B 7 -5.17 -2.94 -7.80
C SER B 7 -5.92 -4.24 -8.00
N LEU B 8 -7.21 -4.17 -7.72
CA LEU B 8 -8.08 -5.27 -8.06
C LEU B 8 -8.09 -5.64 -9.57
N THR B 9 -8.16 -4.64 -10.43
CA THR B 9 -8.09 -4.81 -11.87
C THR B 9 -6.84 -5.59 -12.27
N ASN B 10 -5.69 -5.15 -11.74
CA ASN B 10 -4.43 -5.83 -12.04
C ASN B 10 -4.42 -7.28 -11.53
N LEU B 11 -5.03 -7.50 -10.37
CA LEU B 11 -5.06 -8.80 -9.79
C LEU B 11 -5.88 -9.72 -10.65
N ILE B 12 -7.04 -9.24 -11.12
CA ILE B 12 -7.89 -10.08 -11.96
C ILE B 12 -7.18 -10.47 -13.28
N GLU B 13 -6.45 -9.52 -13.87
N GLU B 13 -6.45 -9.52 -13.87
CA GLU B 13 -5.61 -9.77 -15.05
CA GLU B 13 -5.61 -9.81 -15.04
C GLU B 13 -4.60 -10.92 -14.74
C GLU B 13 -4.63 -10.96 -14.72
N LEU B 14 -3.98 -10.91 -13.56
CA LEU B 14 -3.06 -11.98 -13.19
C LEU B 14 -3.77 -13.33 -12.95
N VAL B 15 -4.95 -13.27 -12.35
CA VAL B 15 -5.73 -14.46 -12.06
C VAL B 15 -6.11 -15.15 -13.38
N MLY B 16 -6.41 -14.35 -14.41
CA MLY B 16 -6.69 -14.91 -15.73
CB MLY B 16 -7.23 -13.83 -16.72
CG MLY B 16 -8.57 -13.22 -16.30
CD MLY B 16 -9.01 -12.08 -17.22
CE MLY B 16 -10.45 -11.64 -16.93
NZ MLY B 16 -10.74 -10.29 -17.45
CH1 MLY B 16 -10.67 -10.27 -18.94
CH2 MLY B 16 -12.06 -9.84 -16.97
C MLY B 16 -5.43 -15.58 -16.29
O MLY B 16 -5.53 -16.56 -16.98
N MLY B 17 -4.24 -15.10 -15.97
CA MLY B 17 -3.00 -15.71 -16.50
CB MLY B 17 -1.74 -14.85 -16.31
CG MLY B 17 -1.60 -13.75 -17.37
CD MLY B 17 -0.48 -12.71 -17.15
CE MLY B 17 0.89 -13.33 -16.91
NZ MLY B 17 1.95 -12.29 -17.09
CH1 MLY B 17 2.41 -11.70 -15.81
CH2 MLY B 17 3.08 -12.87 -17.86
C MLY B 17 -2.76 -17.05 -15.85
O MLY B 17 -2.28 -17.99 -16.51
N VAL B 18 -3.08 -17.18 -14.58
CA VAL B 18 -2.73 -18.42 -13.83
C VAL B 18 -3.87 -19.46 -13.71
N ASN B 19 -5.10 -19.05 -13.94
CA ASN B 19 -6.25 -19.92 -13.73
C ASN B 19 -6.05 -21.24 -14.43
N ARG B 20 -6.14 -22.33 -13.68
CA ARG B 20 -5.98 -23.69 -14.22
C ARG B 20 -7.32 -24.36 -14.61
N ASN B 21 -8.43 -23.68 -14.38
CA ASN B 21 -9.71 -24.17 -14.87
C ASN B 21 -9.87 -23.78 -16.36
N LYS B 22 -10.06 -24.79 -17.19
CA LYS B 22 -10.00 -24.64 -18.65
C LYS B 22 -11.09 -23.72 -19.19
N VAL B 23 -12.32 -23.94 -18.74
CA VAL B 23 -13.49 -23.20 -19.25
C VAL B 23 -14.19 -22.46 -18.12
N PRO B 24 -13.87 -21.18 -17.96
CA PRO B 24 -14.46 -20.43 -16.91
C PRO B 24 -16.02 -20.40 -16.94
N THR B 25 -16.60 -20.31 -15.75
CA THR B 25 -18.06 -20.24 -15.57
C THR B 25 -18.42 -18.95 -14.82
N PRO B 26 -18.38 -17.82 -15.52
CA PRO B 26 -18.73 -16.57 -14.88
C PRO B 26 -20.15 -16.57 -14.37
N MSE B 27 -20.40 -15.90 -13.26
N MSE B 27 -20.40 -15.86 -13.28
CA MSE B 27 -21.77 -15.61 -12.85
CA MSE B 27 -21.75 -15.61 -12.81
C MSE B 27 -22.16 -14.38 -13.61
C MSE B 27 -22.18 -14.31 -13.45
O MSE B 27 -21.29 -13.58 -13.98
O MSE B 27 -21.39 -13.37 -13.51
CB MSE B 27 -21.88 -15.36 -11.35
CB MSE B 27 -21.65 -15.52 -11.29
CG MSE B 27 -21.91 -16.69 -10.60
CG MSE B 27 -23.02 -15.40 -10.63
SE MSE B 27 -22.30 -16.36 -8.70
SE MSE B 27 -22.80 -15.16 -8.69
CE MSE B 27 -23.44 -14.79 -8.92
CE MSE B 27 -23.19 -16.97 -8.01
N SER B 28 -23.44 -14.23 -13.90
CA SER B 28 -23.93 -13.03 -14.60
C SER B 28 -23.86 -11.76 -13.74
N ALA B 29 -23.82 -10.60 -14.39
CA ALA B 29 -23.88 -9.32 -13.65
C ALA B 29 -25.14 -9.20 -12.81
N GLU B 30 -26.23 -9.71 -13.36
N GLU B 30 -26.27 -9.67 -13.33
CA GLU B 30 -27.54 -9.68 -12.71
CA GLU B 30 -27.53 -9.62 -12.56
C GLU B 30 -27.59 -10.54 -11.42
C GLU B 30 -27.46 -10.49 -11.30
N GLU B 31 -26.97 -11.72 -11.45
CA GLU B 31 -26.93 -12.59 -10.29
C GLU B 31 -25.96 -12.03 -9.24
N ILE B 32 -24.87 -11.44 -9.68
CA ILE B 32 -23.91 -10.85 -8.73
C ILE B 32 -24.52 -9.66 -7.99
N SER B 33 -25.28 -8.82 -8.71
CA SER B 33 -25.84 -7.60 -8.10
C SER B 33 -26.86 -7.92 -6.99
N ARG B 34 -27.39 -9.15 -7.02
N ARG B 34 -27.43 -9.13 -7.03
CA ARG B 34 -28.38 -9.55 -6.04
CA ARG B 34 -28.39 -9.54 -6.01
C ARG B 34 -27.77 -10.29 -4.85
C ARG B 34 -27.76 -10.24 -4.82
N LEU B 35 -26.48 -10.62 -4.94
CA LEU B 35 -25.80 -11.28 -3.83
C LEU B 35 -25.64 -10.38 -2.61
N ARG B 36 -25.79 -11.00 -1.44
CA ARG B 36 -25.50 -10.34 -0.17
C ARG B 36 -24.81 -11.34 0.70
N VAL B 37 -24.24 -10.86 1.80
CA VAL B 37 -23.70 -11.76 2.82
C VAL B 37 -24.31 -11.37 4.15
N ARG B 38 -24.59 -12.37 4.97
CA ARG B 38 -24.99 -12.13 6.36
C ARG B 38 -23.96 -11.26 7.02
N MLY B 39 -24.43 -10.35 7.84
CA MLY B 39 -23.56 -9.42 8.53
CB MLY B 39 -24.37 -8.21 8.94
CG MLY B 39 -23.55 -7.09 9.59
CD MLY B 39 -24.43 -5.83 9.69
CE MLY B 39 -24.60 -5.15 8.33
NZ MLY B 39 -25.31 -3.83 8.40
CH1 MLY B 39 -25.09 -3.12 7.13
CH2 MLY B 39 -26.77 -3.98 8.64
C MLY B 39 -22.96 -10.06 9.77
O MLY B 39 -21.85 -9.69 10.17
N TYR B 40 -23.72 -10.93 10.41
CA TYR B 40 -23.37 -11.48 11.72
C TYR B 40 -23.20 -13.00 11.69
N ARG B 41 -22.44 -13.47 12.68
CA ARG B 41 -22.18 -14.90 12.90
C ARG B 41 -23.47 -15.68 13.23
N ASP B 42 -24.34 -15.08 14.02
CA ASP B 42 -25.48 -15.76 14.54
C ASP B 42 -26.42 -16.14 13.38
N PRO B 43 -26.67 -17.45 13.20
CA PRO B 43 -27.52 -17.87 12.07
C PRO B 43 -28.94 -17.26 12.08
N GLN B 44 -29.43 -16.89 13.26
CA GLN B 44 -30.78 -16.36 13.38
C GLN B 44 -30.92 -14.87 13.09
N ASN B 45 -29.81 -14.17 13.00
CA ASN B 45 -29.76 -12.75 12.69
C ASN B 45 -29.75 -12.56 11.21
N THR B 46 -30.82 -11.96 10.68
CA THR B 46 -31.01 -11.88 9.22
C THR B 46 -30.39 -10.65 8.57
N GLU B 47 -29.73 -9.79 9.33
CA GLU B 47 -29.14 -8.62 8.71
C GLU B 47 -28.09 -9.04 7.70
N THR B 48 -28.02 -8.27 6.63
CA THR B 48 -27.03 -8.52 5.60
C THR B 48 -26.25 -7.26 5.24
N THR B 49 -25.20 -7.48 4.47
CA THR B 49 -24.34 -6.43 4.01
C THR B 49 -23.78 -6.83 2.65
N GLU B 50 -22.91 -5.98 2.09
CA GLU B 50 -22.34 -6.16 0.76
C GLU B 50 -21.20 -7.14 0.74
N LEU B 51 -21.09 -7.91 -0.34
CA LEU B 51 -19.85 -8.62 -0.66
C LEU B 51 -18.69 -7.65 -0.85
N PRO B 52 -17.44 -8.07 -0.51
CA PRO B 52 -16.32 -7.27 -0.95
C PRO B 52 -16.16 -7.25 -2.47
N GLU B 53 -15.56 -6.17 -3.00
CA GLU B 53 -15.37 -6.01 -4.45
C GLU B 53 -14.59 -7.14 -5.07
N SER B 54 -13.57 -7.62 -4.38
CA SER B 54 -12.71 -8.69 -4.87
C SER B 54 -13.52 -9.95 -5.19
N LEU B 55 -14.43 -10.32 -4.28
CA LEU B 55 -15.17 -11.57 -4.43
C LEU B 55 -16.14 -11.41 -5.59
N MLY B 56 -16.73 -10.22 -5.71
CA MLY B 56 -17.62 -9.97 -6.88
CB MLY B 56 -18.37 -8.65 -6.73
CG MLY B 56 -19.38 -8.62 -5.59
CD MLY B 56 -19.44 -7.25 -4.96
CE MLY B 56 -20.40 -6.34 -5.59
NZ MLY B 56 -20.27 -5.01 -4.96
CH1 MLY B 56 -20.84 -4.06 -5.93
CH2 MLY B 56 -21.04 -4.90 -3.73
C MLY B 56 -16.89 -10.07 -8.19
O MLY B 56 -17.42 -10.63 -9.16
N ALA B 57 -15.67 -9.53 -8.25
CA ALA B 57 -14.88 -9.60 -9.47
C ALA B 57 -14.51 -11.05 -9.79
N LEU B 58 -14.15 -11.85 -8.76
CA LEU B 58 -13.78 -13.26 -9.00
C LEU B 58 -14.96 -14.05 -9.55
N LEU B 59 -16.11 -13.83 -8.95
CA LEU B 59 -17.32 -14.53 -9.36
C LEU B 59 -17.76 -14.14 -10.79
N ALA B 60 -17.55 -12.89 -11.15
CA ALA B 60 -17.87 -12.39 -12.50
C ALA B 60 -16.94 -12.95 -13.57
N TYR B 61 -15.78 -13.46 -13.14
CA TYR B 61 -14.82 -14.07 -14.04
C TYR B 61 -15.01 -15.59 -14.12
N ASP B 62 -14.85 -16.29 -13.01
CA ASP B 62 -14.91 -17.76 -13.01
C ASP B 62 -15.34 -18.31 -11.68
N ARG B 63 -16.57 -18.75 -11.59
CA ARG B 63 -17.04 -19.35 -10.35
C ARG B 63 -16.33 -20.71 -10.05
N ASP B 64 -15.56 -21.24 -10.99
CA ASP B 64 -14.86 -22.50 -10.82
C ASP B 64 -13.35 -22.32 -10.89
N LEU B 65 -12.88 -21.13 -10.52
CA LEU B 65 -11.49 -20.74 -10.57
C LEU B 65 -10.62 -21.77 -9.89
N LEU B 66 -9.49 -22.10 -10.51
CA LEU B 66 -8.43 -22.86 -9.84
C LEU B 66 -7.14 -22.04 -9.86
N SER B 67 -6.49 -21.92 -8.72
CA SER B 67 -5.30 -21.10 -8.65
C SER B 67 -4.16 -21.86 -9.30
N ASN B 68 -2.98 -21.22 -9.28
CA ASN B 68 -1.74 -21.82 -9.72
C ASN B 68 -1.40 -23.11 -8.97
N TYR B 69 -1.99 -23.30 -7.80
CA TYR B 69 -1.85 -24.53 -7.06
C TYR B 69 -2.77 -25.63 -7.57
N ASN B 70 -3.55 -25.38 -8.60
CA ASN B 70 -4.57 -26.32 -9.05
C ASN B 70 -5.62 -26.66 -7.99
N MSE B 71 -5.99 -25.66 -7.21
N MSE B 71 -5.97 -25.66 -7.19
CA MSE B 71 -6.86 -25.83 -6.05
CA MSE B 71 -6.86 -25.82 -6.05
C MSE B 71 -7.85 -24.69 -6.07
C MSE B 71 -7.86 -24.69 -6.10
O MSE B 71 -7.55 -23.56 -6.55
O MSE B 71 -7.57 -23.62 -6.64
CB MSE B 71 -6.06 -25.79 -4.72
CB MSE B 71 -6.07 -25.67 -4.74
CG MSE B 71 -5.10 -26.98 -4.59
CG MSE B 71 -5.05 -26.77 -4.52
SE MSE B 71 -4.02 -26.89 -2.94
SE MSE B 71 -5.95 -28.46 -4.08
CE MSE B 71 -5.35 -27.60 -1.67
CE MSE B 71 -5.63 -28.52 -2.13
N PRO B 72 -9.04 -24.92 -5.54
CA PRO B 72 -10.08 -23.86 -5.56
C PRO B 72 -9.77 -22.72 -4.60
N VAL B 73 -10.57 -21.68 -4.71
CA VAL B 73 -10.46 -20.49 -3.93
C VAL B 73 -11.84 -20.10 -3.36
N ILE B 74 -12.87 -20.15 -4.21
CA ILE B 74 -14.17 -19.64 -3.86
C ILE B 74 -15.25 -20.74 -4.02
N GLU B 75 -14.84 -21.98 -3.90
CA GLU B 75 -15.75 -23.13 -3.97
C GLU B 75 -16.66 -23.28 -2.74
N THR B 76 -16.05 -23.33 -1.56
CA THR B 76 -16.74 -23.56 -0.33
C THR B 76 -17.81 -22.52 0.01
N LEU B 77 -17.51 -21.26 -0.23
CA LEU B 77 -18.45 -20.20 0.09
C LEU B 77 -19.74 -20.31 -0.74
N GLN B 78 -19.62 -20.84 -1.96
CA GLN B 78 -20.81 -20.99 -2.84
C GLN B 78 -21.81 -21.97 -2.27
N LYS B 79 -21.35 -22.88 -1.39
CA LYS B 79 -22.22 -23.82 -0.68
C LYS B 79 -23.07 -23.14 0.34
N SER B 80 -22.75 -21.90 0.70
CA SER B 80 -23.49 -21.14 1.71
C SER B 80 -24.48 -20.15 1.12
N ILE B 81 -24.59 -20.13 -0.21
CA ILE B 81 -25.51 -19.21 -0.89
C ILE B 81 -26.90 -19.81 -0.92
N ASP B 82 -27.87 -19.11 -0.34
CA ASP B 82 -29.25 -19.60 -0.34
C ASP B 82 -29.97 -19.21 -1.63
N ASN B 83 -31.23 -19.63 -1.75
CA ASN B 83 -32.02 -19.41 -2.96
C ASN B 83 -32.25 -17.94 -3.30
N GLU B 84 -32.12 -17.08 -2.30
CA GLU B 84 -32.29 -15.64 -2.45
C GLU B 84 -30.97 -14.91 -2.67
N GLY B 85 -29.87 -15.66 -2.74
CA GLY B 85 -28.56 -15.07 -3.04
C GLY B 85 -27.85 -14.57 -1.80
N VAL B 86 -28.34 -14.96 -0.62
CA VAL B 86 -27.63 -14.61 0.63
C VAL B 86 -26.58 -15.65 1.00
N ILE B 87 -25.33 -15.20 1.16
CA ILE B 87 -24.25 -16.03 1.70
C ILE B 87 -24.39 -16.07 3.24
N HIS B 88 -24.69 -17.24 3.77
CA HIS B 88 -24.83 -17.45 5.19
C HIS B 88 -23.42 -17.59 5.78
N SER B 89 -23.27 -17.20 7.04
CA SER B 89 -21.98 -17.20 7.70
C SER B 89 -21.48 -18.61 7.87
N TYR B 90 -20.15 -18.76 7.87
CA TYR B 90 -19.45 -19.97 8.25
C TYR B 90 -19.20 -19.86 9.74
N SER B 91 -19.05 -20.98 10.43
CA SER B 91 -18.76 -20.93 11.86
C SER B 91 -17.44 -21.61 12.20
N PRO B 92 -16.76 -21.11 13.20
CA PRO B 92 -15.42 -21.67 13.46
C PRO B 92 -15.38 -22.84 14.43
N ASP B 93 -16.53 -23.39 14.81
CA ASP B 93 -16.57 -24.39 15.89
C ASP B 93 -15.77 -25.66 15.60
N GLU B 94 -15.87 -26.19 14.38
N GLU B 94 -15.86 -26.15 14.36
CA GLU B 94 -15.14 -27.40 14.00
CA GLU B 94 -15.17 -27.36 13.94
C GLU B 94 -13.62 -27.22 14.17
C GLU B 94 -13.64 -27.25 14.07
N GLU B 95 -13.08 -26.12 13.67
CA GLU B 95 -11.66 -25.87 13.81
C GLU B 95 -11.32 -25.74 15.29
N ALA B 96 -12.17 -25.06 16.06
CA ALA B 96 -11.91 -24.89 17.48
C ALA B 96 -11.94 -26.20 18.26
N TYR B 97 -12.84 -27.08 17.85
CA TYR B 97 -12.99 -28.41 18.46
C TYR B 97 -11.71 -29.22 18.23
N TYR B 98 -11.19 -29.14 17.01
CA TYR B 98 -9.92 -29.74 16.67
C TYR B 98 -8.81 -29.12 17.53
N GLY B 99 -8.93 -27.83 17.72
CA GLY B 99 -7.98 -27.05 18.53
C GLY B 99 -7.77 -27.52 19.96
N VAL B 100 -8.78 -28.14 20.57
CA VAL B 100 -8.65 -28.73 21.92
C VAL B 100 -8.55 -30.26 21.88
N GLY B 101 -8.32 -30.81 20.70
CA GLY B 101 -8.09 -32.26 20.57
C GLY B 101 -9.34 -33.11 20.66
N MSE B 102 -10.51 -32.49 20.56
N MSE B 102 -10.51 -32.49 20.55
CA MSE B 102 -11.77 -33.24 20.74
CA MSE B 102 -11.77 -33.23 20.73
C MSE B 102 -12.19 -33.94 19.46
C MSE B 102 -12.21 -33.92 19.45
O MSE B 102 -13.12 -34.77 19.48
O MSE B 102 -13.16 -34.72 19.47
CB MSE B 102 -12.89 -32.38 21.30
CB MSE B 102 -12.86 -32.32 21.26
CG MSE B 102 -12.63 -32.02 22.76
CG MSE B 102 -12.59 -31.93 22.70
SE MSE B 102 -13.03 -33.52 23.98
SE MSE B 102 -12.72 -33.54 23.86
CE MSE B 102 -11.89 -32.88 25.47
CE MSE B 102 -14.67 -33.77 23.81
N ASP B 103 -11.52 -33.65 18.36
CA ASP B 103 -11.74 -34.38 17.08
C ASP B 103 -11.45 -35.90 17.21
N SER B 104 -10.56 -36.29 18.12
CA SER B 104 -10.30 -37.71 18.40
C SER B 104 -11.33 -38.42 19.32
N SER B 105 -12.22 -37.66 19.94
CA SER B 105 -12.97 -38.15 21.09
C SER B 105 -14.05 -39.14 20.72
N GLY B 106 -14.54 -39.05 19.49
CA GLY B 106 -15.72 -39.79 19.09
C GLY B 106 -16.98 -39.11 19.50
N ILE B 107 -16.89 -37.96 20.18
CA ILE B 107 -18.10 -37.26 20.60
C ILE B 107 -18.51 -36.25 19.55
N ASP B 108 -19.78 -36.32 19.17
N ASP B 108 -19.77 -36.33 19.13
CA ASP B 108 -20.35 -35.42 18.18
CA ASP B 108 -20.29 -35.41 18.14
C ASP B 108 -20.24 -33.97 18.69
C ASP B 108 -20.23 -33.98 18.68
N ILE B 109 -19.70 -33.08 17.87
CA ILE B 109 -19.54 -31.67 18.25
C ILE B 109 -20.87 -31.06 18.73
N GLU B 110 -21.99 -31.47 18.13
CA GLU B 110 -23.31 -30.95 18.50
C GLU B 110 -23.58 -31.14 19.98
N ASP B 111 -23.08 -32.23 20.57
CA ASP B 111 -23.27 -32.48 22.00
C ASP B 111 -22.54 -31.48 22.89
N LEU B 112 -21.55 -30.78 22.36
CA LEU B 112 -20.76 -29.86 23.18
C LEU B 112 -20.94 -28.41 22.79
N MSE B 113 -21.83 -28.13 21.86
CA MSE B 113 -21.99 -26.73 21.45
C MSE B 113 -22.72 -25.90 22.49
O MSE B 113 -23.52 -26.46 23.25
CB MSE B 113 -22.86 -26.67 20.19
CG MSE B 113 -22.19 -27.16 18.91
SE MSE B 113 -20.97 -25.82 18.21
CE MSE B 113 -22.24 -24.40 17.64
N PRO B 114 -22.25 -24.66 22.72
CA PRO B 114 -21.57 -23.88 21.73
C PRO B 114 -20.06 -24.09 22.05
N VAL B 115 -19.22 -24.29 21.05
CA VAL B 115 -17.77 -24.44 21.27
C VAL B 115 -17.09 -23.07 21.28
N TRP B 116 -17.26 -22.32 20.21
CA TRP B 116 -16.80 -20.96 20.11
C TRP B 116 -17.81 -19.97 20.67
N SER B 117 -17.33 -18.77 20.96
CA SER B 117 -18.16 -17.73 21.47
C SER B 117 -19.35 -17.49 20.52
N ASN B 118 -20.49 -17.18 21.09
CA ASN B 118 -21.65 -16.74 20.28
C ASN B 118 -22.19 -15.37 20.67
N ASP B 119 -21.30 -14.52 21.14
CA ASP B 119 -21.69 -13.14 21.44
C ASP B 119 -22.33 -12.55 20.18
N PRO B 120 -23.43 -11.80 20.35
CA PRO B 120 -24.19 -11.35 19.16
C PRO B 120 -23.52 -10.25 18.35
N ARG B 121 -22.40 -9.72 18.85
CA ARG B 121 -21.60 -8.78 18.08
C ARG B 121 -20.70 -9.47 17.06
N LEU B 122 -20.48 -10.80 17.17
CA LEU B 122 -19.57 -11.47 16.27
C LEU B 122 -19.98 -11.33 14.79
N PRO B 123 -19.00 -10.99 13.93
CA PRO B 123 -19.25 -10.78 12.51
C PRO B 123 -19.34 -12.12 11.79
N ALA B 124 -20.00 -12.08 10.64
CA ALA B 124 -20.05 -13.23 9.77
C ALA B 124 -18.64 -13.52 9.23
N LEU B 125 -18.46 -14.75 8.79
CA LEU B 125 -17.27 -15.24 8.13
C LEU B 125 -17.58 -15.86 6.78
N ILE B 126 -16.71 -15.60 5.81
CA ILE B 126 -16.77 -16.31 4.52
C ILE B 126 -15.47 -17.12 4.42
N ARG B 127 -15.59 -18.43 4.31
CA ARG B 127 -14.40 -19.28 4.21
C ARG B 127 -13.85 -19.27 2.78
N ILE B 128 -12.57 -19.03 2.65
CA ILE B 128 -11.84 -19.07 1.39
C ILE B 128 -11.06 -20.39 1.36
N ASP B 129 -11.20 -21.14 0.28
CA ASP B 129 -10.42 -22.38 0.13
C ASP B 129 -8.94 -22.03 -0.01
N HIS B 130 -8.12 -22.75 0.76
CA HIS B 130 -6.73 -22.40 1.01
C HIS B 130 -5.83 -23.52 0.52
N VAL B 131 -4.56 -23.20 0.42
CA VAL B 131 -3.53 -24.12 -0.03
C VAL B 131 -2.81 -24.87 1.12
N GLY B 132 -3.14 -24.56 2.36
CA GLY B 132 -2.55 -25.26 3.53
C GLY B 132 -3.62 -25.52 4.55
N ASP B 133 -3.22 -25.86 5.76
CA ASP B 133 -4.19 -26.27 6.78
C ASP B 133 -4.87 -25.15 7.55
N GLN B 134 -4.32 -23.96 7.56
CA GLN B 134 -5.01 -22.88 8.29
C GLN B 134 -6.32 -22.54 7.62
N ALA B 135 -7.29 -22.07 8.41
CA ALA B 135 -8.58 -21.59 7.86
C ALA B 135 -8.37 -20.14 7.49
N ILE B 136 -8.87 -19.75 6.33
CA ILE B 136 -8.85 -18.39 5.80
C ILE B 136 -10.29 -17.89 5.71
N PHE B 137 -10.57 -16.79 6.38
CA PHE B 137 -11.88 -16.16 6.37
C PHE B 137 -11.86 -14.73 5.90
N ILE B 138 -12.87 -14.35 5.11
CA ILE B 138 -13.18 -12.96 4.95
C ILE B 138 -13.97 -12.55 6.19
N TYR B 139 -13.48 -11.56 6.92
CA TYR B 139 -14.05 -11.16 8.20
C TYR B 139 -15.05 -10.01 7.95
N ILE B 140 -16.33 -10.30 8.09
CA ILE B 140 -17.36 -9.38 7.55
C ILE B 140 -17.73 -8.31 8.56
N THR B 141 -16.89 -7.26 8.59
CA THR B 141 -17.06 -6.14 9.48
C THR B 141 -17.44 -4.90 8.71
N GLU B 142 -16.45 -4.08 8.32
CA GLU B 142 -16.67 -2.90 7.51
C GLU B 142 -15.78 -2.91 6.30
N ARG B 143 -16.29 -2.42 5.16
CA ARG B 143 -15.47 -2.30 3.97
C ARG B 143 -14.57 -1.08 4.04
N ASP B 144 -13.35 -1.25 3.56
CA ASP B 144 -12.35 -0.21 3.51
C ASP B 144 -12.56 0.66 2.27
N ALA B 145 -11.63 1.57 2.00
CA ALA B 145 -11.74 2.52 0.89
C ALA B 145 -11.78 1.84 -0.46
N ASN B 146 -11.29 0.63 -0.54
CA ASN B 146 -11.30 -0.16 -1.76
C ASN B 146 -12.45 -1.14 -1.83
N GLY B 147 -13.38 -1.10 -0.88
CA GLY B 147 -14.50 -2.02 -0.91
C GLY B 147 -14.18 -3.42 -0.39
N GLU B 148 -13.14 -3.50 0.44
CA GLU B 148 -12.65 -4.79 0.95
C GLU B 148 -12.87 -4.98 2.45
N TYR B 149 -13.05 -6.24 2.85
CA TYR B 149 -13.03 -6.65 4.22
C TYR B 149 -11.66 -7.25 4.60
N PRO B 150 -11.33 -7.24 5.88
CA PRO B 150 -10.10 -7.92 6.32
C PRO B 150 -10.14 -9.43 6.11
N ILE B 151 -8.99 -10.09 6.16
CA ILE B 151 -8.87 -11.53 6.23
C ILE B 151 -8.51 -11.88 7.67
N ALA B 152 -9.16 -12.91 8.19
CA ALA B 152 -8.80 -13.55 9.44
C ALA B 152 -8.29 -14.94 9.15
N ARG B 153 -7.29 -15.35 9.91
CA ARG B 153 -6.81 -16.70 9.89
C ARG B 153 -7.11 -17.40 11.20
N MSE B 154 -7.24 -18.72 11.11
CA MSE B 154 -7.47 -19.55 12.28
C MSE B 154 -6.72 -20.83 12.18
O MSE B 154 -6.67 -21.47 11.16
CB MSE B 154 -8.95 -19.79 12.49
CG MSE B 154 -9.29 -20.52 13.79
SE MSE B 154 -11.22 -20.84 13.81
CE MSE B 154 -11.26 -21.40 15.68
N GLU B 155 -6.08 -21.20 13.27
CA GLU B 155 -5.40 -22.48 13.36
C GLU B 155 -5.58 -23.00 14.77
N ARG B 156 -6.24 -24.17 14.90
CA ARG B 156 -6.48 -24.79 16.18
C ARG B 156 -7.26 -23.80 17.05
N ASN B 157 -6.66 -23.38 18.16
CA ASN B 157 -7.29 -22.52 19.15
C ASN B 157 -7.04 -21.01 18.93
N GLU B 158 -6.22 -20.68 17.92
N GLU B 158 -6.27 -20.66 17.90
CA GLU B 158 -5.77 -19.30 17.64
CA GLU B 158 -5.86 -19.29 17.69
C GLU B 158 -6.59 -18.70 16.46
C GLU B 158 -6.51 -18.68 16.44
N PHE B 159 -7.01 -17.46 16.62
CA PHE B 159 -7.80 -16.74 15.62
C PHE B 159 -7.30 -15.31 15.57
N TRP B 160 -6.86 -14.85 14.41
CA TRP B 160 -6.29 -13.53 14.28
C TRP B 160 -6.55 -12.83 12.96
N LEU B 161 -6.46 -11.51 13.00
CA LEU B 161 -6.55 -10.73 11.75
C LEU B 161 -5.22 -10.83 11.05
N ALA B 162 -5.29 -11.07 9.76
CA ALA B 162 -4.11 -11.42 8.95
C ALA B 162 -4.01 -10.41 7.80
N GLU B 163 -4.12 -10.87 6.57
CA GLU B 163 -4.02 -10.01 5.38
C GLU B 163 -5.04 -8.84 5.42
N SER B 164 -4.65 -7.72 4.80
CA SER B 164 -5.52 -6.56 4.67
C SER B 164 -6.82 -6.88 3.99
N SER B 165 -6.80 -7.83 3.07
CA SER B 165 -7.95 -8.16 2.24
C SER B 165 -7.66 -9.42 1.45
N LEU B 166 -8.73 -9.90 0.83
CA LEU B 166 -8.60 -10.98 -0.12
C LEU B 166 -7.65 -10.64 -1.28
N VAL B 167 -7.53 -9.36 -1.66
CA VAL B 167 -6.62 -8.96 -2.70
C VAL B 167 -5.18 -9.25 -2.28
N GLU B 168 -4.79 -8.85 -1.09
CA GLU B 168 -3.45 -9.16 -0.63
C GLU B 168 -3.23 -10.68 -0.55
N TYR B 169 -4.19 -11.39 0.02
CA TYR B 169 -4.09 -12.84 0.12
C TYR B 169 -3.80 -13.46 -1.25
N LEU B 170 -4.59 -13.09 -2.25
CA LEU B 170 -4.46 -13.68 -3.54
C LEU B 170 -3.17 -13.30 -4.26
N TYR B 171 -2.68 -12.06 -4.11
CA TYR B 171 -1.41 -11.67 -4.70
C TYR B 171 -0.32 -12.62 -4.14
N ASN B 172 -0.38 -12.93 -2.85
CA ASN B 172 0.59 -13.83 -2.26
C ASN B 172 0.46 -15.27 -2.79
N ILE B 173 -0.77 -15.76 -2.86
CA ILE B 173 -1.00 -17.08 -3.49
C ILE B 173 -0.37 -17.18 -4.91
N ILE B 174 -0.65 -16.21 -5.78
CA ILE B 174 -0.21 -16.30 -7.16
C ILE B 174 1.28 -16.03 -7.36
N SER B 175 1.94 -15.45 -6.35
CA SER B 175 3.34 -15.08 -6.46
C SER B 175 4.21 -16.29 -6.72
N GLY B 176 3.77 -17.47 -6.30
CA GLY B 176 4.55 -18.70 -6.53
C GLY B 176 4.52 -19.25 -7.95
N ALA B 177 3.59 -18.76 -8.76
CA ALA B 177 3.41 -19.27 -10.11
C ALA B 177 4.65 -18.94 -10.98
N LYS B 178 4.96 -19.87 -11.88
N LYS B 178 5.13 -19.89 -11.77
CA LYS B 178 6.04 -19.76 -12.87
CA LYS B 178 6.30 -19.59 -12.60
C LYS B 178 5.97 -18.49 -13.72
C LYS B 178 5.83 -18.57 -13.63
N ASP B 179 4.75 -18.12 -14.10
N ASP B 179 6.58 -17.48 -13.77
CA ASP B 179 4.54 -17.07 -15.10
CA ASP B 179 6.25 -16.52 -14.81
C ASP B 179 4.44 -15.67 -14.49
C ASP B 179 5.12 -15.53 -14.45
N ILE B 180 4.69 -15.53 -13.19
CA ILE B 180 4.25 -14.36 -12.51
C ILE B 180 5.56 -13.73 -12.16
N GLY B 181 5.73 -12.48 -12.55
CA GLY B 181 7.03 -11.78 -12.41
C GLY B 181 7.35 -11.17 -11.07
N PHE B 182 6.82 -11.71 -10.00
CA PHE B 182 7.16 -11.21 -8.65
C PHE B 182 7.18 -12.37 -7.68
N THR B 183 7.76 -12.13 -6.50
CA THR B 183 7.74 -13.11 -5.42
C THR B 183 7.16 -12.50 -4.16
N GLU B 184 6.99 -13.30 -3.11
N GLU B 184 6.99 -13.36 -3.15
CA GLU B 184 6.54 -12.73 -1.84
CA GLU B 184 6.75 -12.98 -1.76
C GLU B 184 7.48 -11.62 -1.34
C GLU B 184 7.50 -11.72 -1.35
N GLU B 185 8.75 -11.62 -1.79
CA GLU B 185 9.68 -10.56 -1.31
C GLU B 185 9.29 -9.21 -1.88
N ASP B 186 8.45 -9.22 -2.93
CA ASP B 186 7.97 -7.98 -3.57
C ASP B 186 6.63 -7.51 -2.99
N LEU B 187 6.07 -8.27 -2.04
CA LEU B 187 4.76 -7.97 -1.51
C LEU B 187 4.69 -7.38 -0.10
N HIS B 188 5.80 -6.83 0.40
CA HIS B 188 5.74 -6.12 1.66
C HIS B 188 5.37 -4.67 1.40
N LEU B 189 4.14 -4.43 1.04
CA LEU B 189 3.75 -3.11 0.61
C LEU B 189 3.23 -2.27 1.76
N PRO B 190 3.70 -1.02 1.85
CA PRO B 190 3.23 -0.18 2.93
C PRO B 190 1.73 0.13 2.96
N GLN B 191 1.05 0.16 1.80
CA GLN B 191 -0.39 0.40 1.80
C GLN B 191 -1.14 -0.75 2.49
N TRP B 192 -0.64 -1.97 2.31
CA TRP B 192 -1.25 -3.14 2.91
C TRP B 192 -1.06 -3.11 4.42
N MLY B 193 0.17 -2.80 4.85
CA MLY B 193 0.44 -2.65 6.28
CB MLY B 193 1.95 -2.44 6.49
CG MLY B 193 2.25 -2.36 7.98
CD MLY B 193 2.21 -3.75 8.66
CE MLY B 193 1.87 -3.53 10.13
NZ MLY B 193 1.84 -4.75 10.97
CH1 MLY B 193 0.42 -5.19 11.12
CH2 MLY B 193 2.73 -5.82 10.44
C MLY B 193 -0.42 -1.57 6.90
O MLY B 193 -0.99 -1.77 7.96
N ALA B 194 -0.55 -0.44 6.25
CA ALA B 194 -1.38 0.66 6.77
C ALA B 194 -2.82 0.21 6.93
N GLN B 195 -3.34 -0.50 5.92
CA GLN B 195 -4.68 -1.08 6.02
C GLN B 195 -4.84 -2.11 7.15
N GLN B 196 -3.88 -3.02 7.34
CA GLN B 196 -3.93 -3.97 8.42
C GLN B 196 -4.02 -3.24 9.75
N LYS B 197 -3.26 -2.16 9.88
CA LYS B 197 -3.26 -1.41 11.12
C LYS B 197 -4.64 -0.80 11.36
N MSE B 198 -5.21 -0.19 10.33
CA MSE B 198 -6.52 0.41 10.47
C MSE B 198 -7.55 -0.66 10.86
O MSE B 198 -8.42 -0.43 11.70
CB MSE B 198 -6.92 1.11 9.19
CG MSE B 198 -6.19 2.42 8.86
SE MSE B 198 -7.02 3.32 7.30
CE MSE B 198 -8.85 2.87 7.78
N ASN B 199 -7.47 -1.82 10.21
CA ASN B 199 -8.38 -2.94 10.48
C ASN B 199 -8.32 -3.43 11.89
N GLU B 200 -7.12 -3.62 12.39
N GLU B 200 -7.11 -3.60 12.39
CA GLU B 200 -6.95 -4.10 13.72
CA GLU B 200 -6.87 -4.06 13.75
C GLU B 200 -7.47 -3.08 14.77
C GLU B 200 -7.45 -3.09 14.78
N GLN B 201 -7.26 -1.79 14.54
CA GLN B 201 -7.79 -0.79 15.44
C GLN B 201 -9.34 -0.77 15.39
N ARG B 202 -9.90 -0.84 14.20
CA ARG B 202 -11.35 -0.74 14.05
C ARG B 202 -12.07 -1.96 14.67
N ASP B 203 -11.55 -3.14 14.40
CA ASP B 203 -12.17 -4.43 14.74
C ASP B 203 -11.63 -5.07 16.00
N ALA B 204 -10.79 -4.38 16.76
CA ALA B 204 -10.16 -4.98 17.94
C ALA B 204 -11.19 -5.55 18.95
N ALA B 205 -12.28 -4.85 19.17
CA ALA B 205 -13.24 -5.29 20.19
C ALA B 205 -13.89 -6.61 19.75
N LEU B 206 -14.07 -6.78 18.44
CA LEU B 206 -14.60 -8.04 17.91
C LEU B 206 -13.59 -9.21 18.01
N LEU B 207 -12.36 -8.94 17.63
CA LEU B 207 -11.31 -9.92 17.72
C LEU B 207 -11.08 -10.39 19.14
N ASP B 208 -11.27 -9.50 20.09
CA ASP B 208 -11.19 -9.86 21.52
C ASP B 208 -12.22 -10.90 21.92
N LEU B 209 -13.36 -10.96 21.22
CA LEU B 209 -14.41 -11.92 21.50
C LEU B 209 -14.20 -13.29 20.85
N GLU B 210 -13.22 -13.42 19.95
CA GLU B 210 -12.99 -14.66 19.23
C GLU B 210 -12.19 -15.62 20.12
N ASP B 211 -12.93 -16.43 20.86
CA ASP B 211 -12.34 -17.40 21.79
C ASP B 211 -13.42 -18.41 22.12
N TYR B 212 -13.04 -19.48 22.80
CA TYR B 212 -13.94 -20.52 23.23
C TYR B 212 -15.03 -19.94 24.12
N HIS B 213 -16.23 -20.46 23.97
CA HIS B 213 -17.30 -20.08 24.86
C HIS B 213 -16.98 -20.50 26.29
N GLU B 214 -17.29 -19.66 27.27
N GLU B 214 -17.31 -19.61 27.25
CA GLU B 214 -17.02 -20.06 28.66
CA GLU B 214 -17.16 -19.90 28.69
C GLU B 214 -17.77 -21.33 29.05
C GLU B 214 -17.79 -21.26 29.07
N ALA B 215 -18.95 -21.56 28.50
CA ALA B 215 -19.69 -22.79 28.78
C ALA B 215 -19.03 -24.06 28.24
N PHE B 216 -18.24 -23.93 27.19
CA PHE B 216 -17.59 -25.09 26.62
C PHE B 216 -16.58 -25.70 27.63
N TRP B 217 -15.86 -24.88 28.41
CA TRP B 217 -14.93 -25.47 29.39
C TRP B 217 -15.67 -26.28 30.43
N ALA B 218 -16.77 -25.73 30.92
CA ALA B 218 -17.64 -26.45 31.83
C ALA B 218 -18.11 -27.77 31.23
N LYS B 219 -18.47 -27.74 29.95
CA LYS B 219 -18.93 -28.97 29.26
C LYS B 219 -17.84 -29.99 29.26
N LEU B 220 -16.60 -29.58 28.98
CA LEU B 220 -15.49 -30.53 28.92
C LEU B 220 -15.30 -31.20 30.26
N ASP B 221 -15.45 -30.42 31.34
CA ASP B 221 -15.17 -30.91 32.69
C ASP B 221 -16.19 -31.91 33.16
N ALA B 222 -17.46 -31.67 32.83
CA ALA B 222 -18.52 -32.65 33.02
C ALA B 222 -18.31 -33.83 32.05
N MSE C 4 -7.42 13.14 9.75
CA MSE C 4 -7.73 13.32 8.31
C MSE C 4 -7.47 12.01 7.61
O MSE C 4 -6.32 11.59 7.48
CB MSE C 4 -6.88 14.46 7.77
CG MSE C 4 -7.40 15.00 6.46
SE MSE C 4 -8.78 16.40 6.73
CE MSE C 4 -9.64 15.98 5.00
N ASP C 5 -8.53 11.33 7.19
CA ASP C 5 -8.43 10.05 6.48
C ASP C 5 -8.70 10.24 4.97
N ILE C 6 -7.60 10.33 4.22
CA ILE C 6 -7.54 10.68 2.80
C ILE C 6 -7.69 9.45 1.92
N SER C 7 -8.58 9.52 0.94
CA SER C 7 -8.73 8.47 -0.06
C SER C 7 -9.64 9.05 -1.14
N LEU C 8 -9.54 8.50 -2.34
CA LEU C 8 -10.40 8.93 -3.42
C LEU C 8 -11.87 8.67 -3.05
N THR C 9 -12.13 7.53 -2.40
CA THR C 9 -13.47 7.14 -2.00
C THR C 9 -14.08 8.19 -1.08
N ASN C 10 -13.31 8.58 -0.06
N ASN C 10 -13.32 8.56 -0.05
CA ASN C 10 -13.74 9.62 0.84
CA ASN C 10 -13.75 9.60 0.88
C ASN C 10 -13.99 10.94 0.12
C ASN C 10 -13.96 10.95 0.16
N LEU C 11 -13.06 11.29 -0.77
CA LEU C 11 -13.14 12.54 -1.48
C LEU C 11 -14.42 12.60 -2.31
N ILE C 12 -14.73 11.49 -2.96
CA ILE C 12 -15.89 11.42 -3.82
C ILE C 12 -17.17 11.64 -2.99
N GLU C 13 -17.25 11.06 -1.78
CA GLU C 13 -18.40 11.33 -0.90
C GLU C 13 -18.50 12.80 -0.52
N LEU C 14 -17.35 13.44 -0.29
CA LEU C 14 -17.36 14.88 -0.01
C LEU C 14 -17.76 15.73 -1.23
N VAL C 15 -17.37 15.30 -2.41
CA VAL C 15 -17.75 15.99 -3.64
C VAL C 15 -19.28 15.95 -3.77
N MLY C 16 -19.86 14.77 -3.54
CA MLY C 16 -21.33 14.60 -3.56
CB MLY C 16 -21.75 13.15 -3.29
CG MLY C 16 -21.22 12.20 -4.36
CD MLY C 16 -21.47 10.74 -3.99
CE MLY C 16 -21.22 9.83 -5.19
NZ MLY C 16 -21.60 8.41 -5.04
CH1 MLY C 16 -20.43 7.55 -5.32
CH2 MLY C 16 -22.35 8.04 -3.81
C MLY C 16 -21.97 15.55 -2.56
O MLY C 16 -23.03 16.14 -2.81
N LYS C 17 -21.33 15.73 -1.40
CA LYS C 17 -21.87 16.62 -0.36
C LYS C 17 -21.91 18.08 -0.84
N VAL C 18 -20.85 18.55 -1.50
CA VAL C 18 -20.78 19.97 -1.87
C VAL C 18 -21.39 20.31 -3.23
N ASN C 19 -21.63 19.30 -4.07
CA ASN C 19 -22.02 19.53 -5.46
C ASN C 19 -23.25 20.43 -5.52
N ARG C 20 -23.13 21.52 -6.26
CA ARG C 20 -24.18 22.51 -6.39
C ARG C 20 -25.00 22.33 -7.67
N ASN C 21 -24.66 21.33 -8.45
CA ASN C 21 -25.53 20.85 -9.53
C ASN C 21 -26.60 19.91 -8.94
N LYS C 22 -27.86 20.35 -8.96
CA LYS C 22 -28.91 19.68 -8.20
C LYS C 22 -29.17 18.24 -8.65
N VAL C 23 -29.20 18.00 -9.97
CA VAL C 23 -29.47 16.69 -10.53
C VAL C 23 -28.27 16.24 -11.37
N PRO C 24 -27.43 15.36 -10.82
CA PRO C 24 -26.25 14.94 -11.58
C PRO C 24 -26.55 14.32 -12.93
N THR C 25 -25.60 14.47 -13.85
CA THR C 25 -25.60 13.76 -15.13
C THR C 25 -24.33 12.86 -15.21
N PRO C 26 -24.43 11.62 -14.70
CA PRO C 26 -23.23 10.74 -14.82
C PRO C 26 -22.91 10.36 -16.25
N MSE C 27 -21.63 10.13 -16.51
CA MSE C 27 -21.21 9.45 -17.73
C MSE C 27 -21.36 7.96 -17.47
O MSE C 27 -21.06 7.48 -16.36
CB MSE C 27 -19.76 9.90 -18.07
CG MSE C 27 -19.34 9.38 -19.43
SE MSE C 27 -17.49 9.86 -19.85
CE MSE C 27 -17.83 11.65 -20.62
N SER C 28 -21.84 7.20 -18.46
CA SER C 28 -22.07 5.76 -18.28
C SER C 28 -20.73 5.04 -18.04
N ALA C 29 -20.78 3.91 -17.35
CA ALA C 29 -19.58 3.10 -17.06
C ALA C 29 -18.86 2.71 -18.34
N GLU C 30 -19.64 2.34 -19.36
CA GLU C 30 -19.00 1.87 -20.61
C GLU C 30 -18.35 3.02 -21.37
N GLU C 31 -18.95 4.21 -21.37
CA GLU C 31 -18.29 5.36 -21.99
C GLU C 31 -17.00 5.71 -21.24
N ILE C 32 -17.07 5.67 -19.93
CA ILE C 32 -15.87 5.93 -19.12
C ILE C 32 -14.77 4.91 -19.39
N SER C 33 -15.13 3.63 -19.44
CA SER C 33 -14.15 2.55 -19.68
C SER C 33 -13.44 2.64 -21.00
N ARG C 34 -14.07 3.27 -21.98
N ARG C 34 -14.08 3.27 -21.98
CA ARG C 34 -13.52 3.46 -23.32
CA ARG C 34 -13.50 3.45 -23.32
C ARG C 34 -12.53 4.64 -23.37
C ARG C 34 -12.58 4.68 -23.41
N LEU C 35 -12.63 5.55 -22.42
CA LEU C 35 -11.82 6.78 -22.45
C LEU C 35 -10.34 6.47 -22.31
N ARG C 36 -9.53 7.13 -23.13
CA ARG C 36 -8.09 7.16 -23.08
C ARG C 36 -7.67 8.66 -23.16
N VAL C 37 -6.49 8.98 -22.63
CA VAL C 37 -5.94 10.30 -22.80
C VAL C 37 -4.69 10.23 -23.69
N ARG C 38 -4.48 11.22 -24.55
CA ARG C 38 -3.25 11.28 -25.30
C ARG C 38 -2.10 11.32 -24.26
N LYS C 39 -1.01 10.64 -24.56
CA LYS C 39 0.16 10.62 -23.63
C LYS C 39 1.01 11.86 -23.77
N TYR C 40 1.06 12.40 -24.98
CA TYR C 40 1.97 13.47 -25.30
C TYR C 40 1.26 14.73 -25.72
N ARG C 41 1.97 15.85 -25.57
CA ARG C 41 1.52 17.16 -25.97
C ARG C 41 1.30 17.28 -27.49
N ASP C 42 2.16 16.67 -28.28
CA ASP C 42 2.17 16.91 -29.72
C ASP C 42 0.88 16.35 -30.36
N PRO C 43 0.09 17.22 -31.02
CA PRO C 43 -1.15 16.71 -31.56
C PRO C 43 -0.98 15.55 -32.53
N GLN C 44 0.17 15.45 -33.15
CA GLN C 44 0.37 14.41 -34.17
C GLN C 44 0.87 13.09 -33.61
N ASN C 45 1.16 13.06 -32.30
CA ASN C 45 1.57 11.84 -31.65
C ASN C 45 0.30 11.22 -31.12
N THR C 46 -0.08 10.06 -31.66
CA THR C 46 -1.40 9.44 -31.37
C THR C 46 -1.38 8.45 -30.20
N GLU C 47 -0.23 8.33 -29.56
CA GLU C 47 -0.11 7.43 -28.44
C GLU C 47 -1.03 7.84 -27.30
N THR C 48 -1.67 6.86 -26.68
CA THR C 48 -2.58 7.12 -25.57
C THR C 48 -2.16 6.36 -24.35
N THR C 49 -2.73 6.76 -23.21
CA THR C 49 -2.46 6.13 -21.91
C THR C 49 -3.72 6.23 -21.05
N GLU C 50 -3.64 5.73 -19.82
CA GLU C 50 -4.77 5.63 -18.89
C GLU C 50 -5.11 6.98 -18.26
N LEU C 51 -6.42 7.20 -18.09
CA LEU C 51 -6.89 8.30 -17.25
C LEU C 51 -6.47 8.06 -15.80
N PRO C 52 -6.32 9.13 -15.00
CA PRO C 52 -6.17 8.88 -13.57
C PRO C 52 -7.49 8.43 -12.92
N GLU C 53 -7.37 7.73 -11.80
CA GLU C 53 -8.55 7.18 -11.14
C GLU C 53 -9.58 8.23 -10.73
N SER C 54 -9.08 9.36 -10.22
CA SER C 54 -9.92 10.45 -9.77
C SER C 54 -10.87 10.97 -10.86
N LEU C 55 -10.36 11.16 -12.05
CA LEU C 55 -11.17 11.70 -13.13
C LEU C 55 -12.26 10.71 -13.56
N MLY C 56 -11.88 9.46 -13.61
CA MLY C 56 -12.87 8.41 -13.88
CB MLY C 56 -12.29 6.99 -13.90
CG MLY C 56 -11.29 6.74 -15.02
CD MLY C 56 -10.55 5.49 -14.56
CE MLY C 56 -9.64 4.93 -15.60
NZ MLY C 56 -8.94 3.75 -15.04
CH1 MLY C 56 -9.83 2.57 -15.13
CH2 MLY C 56 -7.78 3.51 -15.90
C MLY C 56 -13.97 8.42 -12.85
O MLY C 56 -15.12 8.30 -13.20
N ALA C 57 -13.62 8.57 -11.58
CA ALA C 57 -14.62 8.58 -10.52
C ALA C 57 -15.55 9.81 -10.61
N LEU C 58 -15.00 10.95 -10.97
CA LEU C 58 -15.78 12.17 -11.05
C LEU C 58 -16.78 12.13 -12.20
N LEU C 59 -16.34 11.62 -13.33
CA LEU C 59 -17.21 11.46 -14.50
C LEU C 59 -18.31 10.48 -14.25
N ALA C 60 -18.04 9.43 -13.49
CA ALA C 60 -19.04 8.44 -13.12
C ALA C 60 -20.14 8.98 -12.22
N TYR C 61 -19.80 10.00 -11.42
CA TYR C 61 -20.76 10.66 -10.54
C TYR C 61 -21.57 11.77 -11.23
N ASP C 62 -20.85 12.78 -11.72
CA ASP C 62 -21.51 13.93 -12.33
C ASP C 62 -20.65 14.66 -13.35
N ARG C 63 -20.96 14.47 -14.63
CA ARG C 63 -20.18 15.15 -15.65
C ARG C 63 -20.45 16.66 -15.65
N ASP C 64 -21.48 17.10 -14.93
CA ASP C 64 -21.82 18.53 -14.83
C ASP C 64 -21.56 19.06 -13.41
N LEU C 65 -20.67 18.41 -12.68
CA LEU C 65 -20.30 18.80 -11.30
C LEU C 65 -20.07 20.30 -11.11
N LEU C 66 -20.65 20.88 -10.06
CA LEU C 66 -20.29 22.25 -9.65
C LEU C 66 -19.78 22.17 -8.23
N SER C 67 -18.61 22.72 -7.96
CA SER C 67 -18.03 22.71 -6.61
C SER C 67 -18.77 23.63 -5.67
N ASN C 68 -18.29 23.68 -4.44
CA ASN C 68 -18.81 24.62 -3.45
C ASN C 68 -18.71 26.10 -3.88
N TYR C 69 -17.89 26.39 -4.87
CA TYR C 69 -17.78 27.75 -5.42
C TYR C 69 -18.85 28.02 -6.45
N ASN C 70 -19.68 27.01 -6.74
CA ASN C 70 -20.70 27.11 -7.78
C ASN C 70 -20.05 27.27 -9.13
N MSE C 71 -18.94 26.57 -9.34
N MSE C 71 -18.95 26.56 -9.35
CA MSE C 71 -18.13 26.65 -10.56
CA MSE C 71 -18.15 26.66 -10.57
C MSE C 71 -17.74 25.26 -10.99
C MSE C 71 -17.77 25.27 -10.99
O MSE C 71 -17.62 24.30 -10.17
O MSE C 71 -17.65 24.36 -10.15
CB MSE C 71 -16.88 27.50 -10.35
CB MSE C 71 -16.88 27.45 -10.35
CG MSE C 71 -17.21 28.97 -10.17
CG MSE C 71 -17.14 28.90 -9.95
SE MSE C 71 -15.66 30.05 -9.59
SE MSE C 71 -17.87 29.91 -11.47
CE MSE C 71 -14.73 30.20 -11.31
CE MSE C 71 -16.14 30.44 -12.27
N PRO C 72 -17.57 25.08 -12.30
CA PRO C 72 -17.23 23.74 -12.80
C PRO C 72 -15.79 23.32 -12.42
N VAL C 73 -15.52 22.07 -12.72
CA VAL C 73 -14.23 21.40 -12.44
C VAL C 73 -13.74 20.62 -13.64
N ILE C 74 -14.64 19.82 -14.22
CA ILE C 74 -14.30 18.92 -15.33
C ILE C 74 -15.06 19.24 -16.62
N GLU C 75 -15.47 20.49 -16.78
CA GLU C 75 -16.20 20.91 -17.98
C GLU C 75 -15.29 21.09 -19.19
N THR C 76 -14.25 21.89 -19.05
CA THR C 76 -13.36 22.16 -20.14
C THR C 76 -12.76 20.90 -20.79
N LEU C 77 -12.37 19.94 -19.97
CA LEU C 77 -11.71 18.78 -20.51
C LEU C 77 -12.65 17.97 -21.42
N GLN C 78 -13.95 18.05 -21.18
CA GLN C 78 -14.90 17.29 -22.03
C GLN C 78 -14.90 17.78 -23.46
N LYS C 79 -14.50 19.05 -23.67
CA LYS C 79 -14.39 19.61 -25.02
C LYS C 79 -13.24 18.98 -25.81
N SER C 80 -12.32 18.30 -25.12
CA SER C 80 -11.17 17.63 -25.75
C SER C 80 -11.41 16.17 -26.08
N ILE C 81 -12.57 15.63 -25.74
CA ILE C 81 -12.89 14.23 -26.00
C ILE C 81 -13.43 14.04 -27.43
N ASP C 82 -12.74 13.23 -28.26
CA ASP C 82 -13.20 12.96 -29.64
C ASP C 82 -14.19 11.81 -29.71
N ASN C 83 -14.58 11.44 -30.94
CA ASN C 83 -15.59 10.38 -31.14
C ASN C 83 -15.15 8.96 -30.80
N GLU C 84 -13.84 8.74 -30.65
CA GLU C 84 -13.30 7.42 -30.26
C GLU C 84 -13.10 7.35 -28.75
N GLY C 85 -13.35 8.44 -28.04
CA GLY C 85 -13.21 8.45 -26.59
C GLY C 85 -11.80 8.92 -26.19
N VAL C 86 -11.05 9.50 -27.12
CA VAL C 86 -9.68 9.95 -26.77
C VAL C 86 -9.70 11.41 -26.33
N ILE C 87 -9.12 11.68 -25.17
CA ILE C 87 -8.96 13.05 -24.68
C ILE C 87 -7.68 13.59 -25.29
N HIS C 88 -7.84 14.58 -26.16
CA HIS C 88 -6.70 15.22 -26.74
C HIS C 88 -6.06 16.17 -25.73
N SER C 89 -4.79 16.47 -25.95
CA SER C 89 -4.07 17.30 -25.00
C SER C 89 -4.52 18.73 -25.12
N TYR C 90 -4.43 19.45 -23.99
CA TYR C 90 -4.57 20.90 -23.98
C TYR C 90 -3.17 21.48 -24.24
N SER C 91 -3.11 22.69 -24.79
CA SER C 91 -1.83 23.33 -24.99
C SER C 91 -1.68 24.60 -24.16
N PRO C 92 -0.48 24.87 -23.66
CA PRO C 92 -0.36 26.04 -22.79
C PRO C 92 -0.08 27.35 -23.56
N ASP C 93 -0.21 27.35 -24.90
CA ASP C 93 0.21 28.51 -25.68
C ASP C 93 -0.53 29.82 -25.36
N GLU C 94 -1.86 29.74 -25.21
N GLU C 94 -1.86 29.76 -25.19
CA GLU C 94 -2.71 30.88 -24.87
CA GLU C 94 -2.63 30.96 -24.92
C GLU C 94 -2.24 31.54 -23.59
C GLU C 94 -2.30 31.57 -23.56
N GLU C 95 -2.07 30.74 -22.55
CA GLU C 95 -1.62 31.25 -21.25
C GLU C 95 -0.25 31.90 -21.38
N ALA C 96 0.64 31.23 -22.10
CA ALA C 96 2.00 31.74 -22.34
C ALA C 96 2.02 33.09 -23.07
N TYR C 97 1.15 33.21 -24.09
CA TYR C 97 1.07 34.41 -24.89
C TYR C 97 0.59 35.59 -24.03
N TYR C 98 -0.42 35.32 -23.22
CA TYR C 98 -0.90 36.27 -22.22
C TYR C 98 0.24 36.66 -21.26
N GLY C 99 1.01 35.65 -20.89
CA GLY C 99 2.16 35.81 -19.98
C GLY C 99 3.29 36.73 -20.38
N VAL C 100 3.47 36.99 -21.67
CA VAL C 100 4.41 38.02 -22.14
C VAL C 100 3.72 39.32 -22.57
N GLY C 101 2.47 39.46 -22.24
CA GLY C 101 1.70 40.65 -22.56
C GLY C 101 1.28 40.87 -23.98
N MSE C 102 1.16 39.79 -24.75
N MSE C 102 1.31 39.82 -24.80
CA MSE C 102 0.81 39.92 -26.16
CA MSE C 102 1.11 39.94 -26.24
C MSE C 102 -0.67 39.81 -26.44
C MSE C 102 -0.34 40.09 -26.57
O MSE C 102 -1.09 39.97 -27.60
O MSE C 102 -0.74 40.47 -27.68
CB MSE C 102 1.62 38.94 -27.00
CB MSE C 102 1.58 38.66 -26.91
CG MSE C 102 3.11 39.30 -27.07
CG MSE C 102 3.01 38.75 -27.41
SE MSE C 102 3.50 40.78 -28.32
SE MSE C 102 3.34 40.46 -28.30
CE MSE C 102 3.07 39.84 -30.03
CE MSE C 102 5.07 40.46 -27.45
N ASP C 103 -1.52 39.60 -25.44
N ASP C 103 -1.17 39.79 -25.57
CA ASP C 103 -2.96 39.74 -25.67
CA ASP C 103 -2.62 39.73 -25.73
C ASP C 103 -3.33 41.15 -26.15
C ASP C 103 -3.32 41.08 -25.95
N SER C 104 -2.64 42.17 -25.64
CA SER C 104 -3.05 43.53 -26.00
C SER C 104 -2.65 43.95 -27.41
N SER C 105 -1.78 43.18 -28.05
CA SER C 105 -1.12 43.59 -29.29
C SER C 105 -2.08 43.66 -30.47
N GLY C 106 -3.14 42.86 -30.41
CA GLY C 106 -4.01 42.67 -31.55
C GLY C 106 -3.51 41.67 -32.57
N ILE C 107 -2.35 41.05 -32.33
CA ILE C 107 -1.78 40.02 -33.23
C ILE C 107 -2.30 38.67 -32.81
N ASP C 108 -2.90 37.93 -33.73
CA ASP C 108 -3.41 36.61 -33.42
C ASP C 108 -2.26 35.70 -33.07
N ILE C 109 -2.49 34.84 -32.10
CA ILE C 109 -1.49 33.93 -31.59
C ILE C 109 -0.92 33.02 -32.69
N GLU C 110 -1.77 32.67 -33.64
CA GLU C 110 -1.35 31.77 -34.69
C GLU C 110 -0.16 32.34 -35.45
N ASP C 111 -0.09 33.67 -35.59
CA ASP C 111 0.99 34.28 -36.35
C ASP C 111 2.35 34.07 -35.67
N LEU C 112 2.33 33.78 -34.37
CA LEU C 112 3.55 33.65 -33.57
C LEU C 112 3.84 32.25 -33.08
N MSE C 113 2.99 31.30 -33.43
CA MSE C 113 3.20 29.91 -32.98
C MSE C 113 4.39 29.24 -33.65
O MSE C 113 4.69 29.57 -34.80
CB MSE C 113 1.93 29.09 -33.36
CG MSE C 113 0.73 29.34 -32.48
SE MSE C 113 1.00 28.56 -30.70
CE MSE C 113 0.74 26.63 -31.00
N PRO C 114 5.25 28.56 -32.85
CA PRO C 114 4.89 27.91 -31.57
C PRO C 114 5.33 28.93 -30.50
N VAL C 115 4.47 29.17 -29.52
CA VAL C 115 4.76 30.07 -28.38
C VAL C 115 5.54 29.30 -27.32
N TRP C 116 4.98 28.19 -26.86
CA TRP C 116 5.63 27.33 -25.89
C TRP C 116 6.43 26.26 -26.62
N SER C 117 7.35 25.65 -25.87
CA SER C 117 8.17 24.59 -26.35
C SER C 117 7.30 23.50 -27.00
N ASN C 118 7.83 22.88 -28.03
CA ASN C 118 7.13 21.72 -28.64
C ASN C 118 8.04 20.52 -28.72
N ASP C 119 8.97 20.42 -27.79
CA ASP C 119 9.81 19.24 -27.65
C ASP C 119 8.91 17.99 -27.62
N PRO C 120 9.27 16.97 -28.40
CA PRO C 120 8.40 15.80 -28.50
C PRO C 120 8.26 14.92 -27.25
N ARG C 121 9.12 15.16 -26.24
CA ARG C 121 8.95 14.52 -24.94
C ARG C 121 7.84 15.10 -24.04
N LEU C 122 7.34 16.29 -24.37
CA LEU C 122 6.42 16.98 -23.51
C LEU C 122 5.14 16.17 -23.29
N PRO C 123 4.71 16.07 -22.04
CA PRO C 123 3.54 15.26 -21.74
C PRO C 123 2.23 15.98 -22.08
N ALA C 124 1.17 15.21 -22.30
CA ALA C 124 -0.15 15.80 -22.45
C ALA C 124 -0.61 16.53 -21.19
N LEU C 125 -1.57 17.43 -21.37
CA LEU C 125 -2.18 18.14 -20.26
C LEU C 125 -3.71 18.01 -20.37
N ILE C 126 -4.35 17.89 -19.22
CA ILE C 126 -5.81 17.96 -19.08
C ILE C 126 -6.14 19.16 -18.21
N ARG C 127 -6.88 20.12 -18.76
CA ARG C 127 -7.14 21.33 -18.02
C ARG C 127 -8.30 21.08 -17.07
N ILE C 128 -8.12 21.50 -15.85
CA ILE C 128 -9.14 21.50 -14.81
C ILE C 128 -9.67 22.89 -14.58
N ASP C 129 -11.01 23.04 -14.57
CA ASP C 129 -11.59 24.34 -14.39
C ASP C 129 -11.38 24.73 -12.95
N HIS C 130 -10.91 25.97 -12.77
CA HIS C 130 -10.39 26.44 -11.47
C HIS C 130 -11.21 27.65 -10.98
N VAL C 131 -10.97 28.02 -9.74
CA VAL C 131 -11.69 29.06 -9.05
C VAL C 131 -10.93 30.38 -8.99
N GLY C 132 -9.69 30.36 -9.45
CA GLY C 132 -8.82 31.55 -9.52
C GLY C 132 -8.17 31.74 -10.86
N ASP C 133 -7.11 32.56 -10.89
CA ASP C 133 -6.41 32.95 -12.14
C ASP C 133 -5.46 31.94 -12.71
N GLN C 134 -4.87 31.11 -11.85
CA GLN C 134 -3.88 30.18 -12.35
C GLN C 134 -4.53 29.09 -13.19
N ALA C 135 -3.80 28.59 -14.17
CA ALA C 135 -4.26 27.43 -14.91
C ALA C 135 -3.87 26.16 -14.14
N ILE C 136 -4.78 25.20 -14.12
CA ILE C 136 -4.59 23.92 -13.44
C ILE C 136 -4.63 22.77 -14.47
N PHE C 137 -3.60 21.94 -14.47
CA PHE C 137 -3.47 20.83 -15.40
C PHE C 137 -3.21 19.55 -14.70
N ILE C 138 -3.87 18.50 -15.14
CA ILE C 138 -3.37 17.17 -14.89
C ILE C 138 -2.19 16.94 -15.82
N TYR C 139 -1.03 16.59 -15.25
CA TYR C 139 0.21 16.48 -15.99
C TYR C 139 0.41 15.00 -16.30
N ILE C 140 0.22 14.61 -17.57
CA ILE C 140 0.12 13.20 -17.94
C ILE C 140 1.50 12.59 -18.16
N THR C 141 2.16 12.25 -17.04
CA THR C 141 3.47 11.65 -17.08
C THR C 141 3.32 10.20 -16.64
N GLU C 142 3.42 9.93 -15.33
CA GLU C 142 3.31 8.57 -14.80
C GLU C 142 2.30 8.55 -13.67
N ARG C 143 1.52 7.46 -13.58
CA ARG C 143 0.62 7.28 -12.46
C ARG C 143 1.35 6.78 -11.24
N ASP C 144 1.00 7.34 -10.11
CA ASP C 144 1.54 6.92 -8.84
C ASP C 144 0.83 5.66 -8.27
N ALA C 145 1.21 5.28 -7.05
CA ALA C 145 0.66 4.07 -6.45
C ALA C 145 -0.85 4.14 -6.28
N ASN C 146 -1.41 5.35 -6.25
CA ASN C 146 -2.86 5.53 -6.19
C ASN C 146 -3.54 5.67 -7.54
N GLY C 147 -2.80 5.51 -8.62
CA GLY C 147 -3.38 5.69 -9.96
C GLY C 147 -3.60 7.13 -10.34
N GLU C 148 -2.81 8.03 -9.76
N GLU C 148 -2.84 8.05 -9.74
CA GLU C 148 -2.93 9.46 -10.05
CA GLU C 148 -2.97 9.49 -10.02
C GLU C 148 -1.73 10.05 -10.77
C GLU C 148 -1.75 10.06 -10.75
N TYR C 149 -2.01 11.10 -11.55
CA TYR C 149 -0.95 11.93 -12.14
C TYR C 149 -0.79 13.18 -11.31
N PRO C 150 0.37 13.84 -11.44
CA PRO C 150 0.55 15.15 -10.75
C PRO C 150 -0.32 16.27 -11.30
N ILE C 151 -0.44 17.35 -10.54
CA ILE C 151 -1.01 18.59 -11.00
C ILE C 151 0.10 19.57 -11.32
N ALA C 152 -0.02 20.21 -12.47
CA ALA C 152 0.82 21.34 -12.81
C ALA C 152 0.01 22.60 -12.79
N ARG C 153 0.67 23.68 -12.40
CA ARG C 153 0.07 25.01 -12.40
C ARG C 153 0.84 25.94 -13.36
N MSE C 154 0.13 26.84 -14.00
CA MSE C 154 0.76 27.83 -14.80
C MSE C 154 0.13 29.16 -14.50
O MSE C 154 -1.09 29.29 -14.29
CB MSE C 154 0.60 27.42 -16.24
CG MSE C 154 1.27 28.34 -17.24
SE MSE C 154 0.89 27.63 -19.02
CE MSE C 154 2.21 28.91 -19.58
N GLU C 155 0.96 30.17 -14.42
CA GLU C 155 0.48 31.50 -14.39
C GLU C 155 1.44 32.35 -15.15
N ARG C 156 0.93 32.92 -16.26
CA ARG C 156 1.66 33.80 -17.13
C ARG C 156 2.85 33.08 -17.71
N ASN C 157 4.07 33.53 -17.35
CA ASN C 157 5.28 32.98 -17.89
C ASN C 157 5.85 31.82 -17.05
N GLU C 158 5.21 31.48 -15.93
CA GLU C 158 5.71 30.42 -15.05
C GLU C 158 4.85 29.14 -15.09
N PHE C 159 5.52 28.01 -15.11
CA PHE C 159 4.87 26.69 -15.18
C PHE C 159 5.58 25.81 -14.14
N TRP C 160 4.83 25.21 -13.25
CA TRP C 160 5.44 24.40 -12.17
C TRP C 160 4.59 23.24 -11.73
N LEU C 161 5.24 22.21 -11.21
CA LEU C 161 4.53 21.11 -10.62
C LEU C 161 4.00 21.52 -9.26
N ALA C 162 2.73 21.27 -9.01
CA ALA C 162 2.05 21.78 -7.84
C ALA C 162 1.49 20.65 -6.95
N GLU C 163 0.17 20.52 -6.83
CA GLU C 163 -0.42 19.48 -5.98
C GLU C 163 0.01 18.05 -6.44
N SER C 164 -0.01 17.11 -5.51
CA SER C 164 0.41 15.76 -5.74
C SER C 164 -0.49 15.06 -6.74
N SER C 165 -1.75 15.47 -6.76
CA SER C 165 -2.77 14.86 -7.63
C SER C 165 -4.02 15.69 -7.61
N LEU C 166 -4.96 15.34 -8.50
CA LEU C 166 -6.28 15.95 -8.49
C LEU C 166 -6.99 15.77 -7.17
N VAL C 167 -6.69 14.66 -6.48
CA VAL C 167 -7.26 14.39 -5.18
C VAL C 167 -6.82 15.48 -4.16
N GLU C 168 -5.54 15.76 -4.08
CA GLU C 168 -5.09 16.85 -3.18
C GLU C 168 -5.68 18.21 -3.58
N TYR C 169 -5.70 18.47 -4.89
CA TYR C 169 -6.33 19.70 -5.39
C TYR C 169 -7.77 19.85 -4.90
N LEU C 170 -8.56 18.80 -5.08
CA LEU C 170 -9.95 18.89 -4.77
C LEU C 170 -10.24 18.94 -3.29
N TYR C 171 -9.49 18.21 -2.46
CA TYR C 171 -9.61 18.37 -1.03
C TYR C 171 -9.42 19.84 -0.65
N ASN C 172 -8.50 20.51 -1.32
CA ASN C 172 -8.26 21.95 -1.02
C ASN C 172 -9.39 22.85 -1.48
N ILE C 173 -9.90 22.62 -2.69
CA ILE C 173 -11.07 23.35 -3.14
C ILE C 173 -12.22 23.20 -2.15
N ILE C 174 -12.54 21.97 -1.75
CA ILE C 174 -13.73 21.74 -0.95
C ILE C 174 -13.57 22.17 0.51
N SER C 175 -12.32 22.34 0.96
CA SER C 175 -12.07 22.77 2.33
C SER C 175 -12.58 24.17 2.67
N GLY C 176 -12.92 24.98 1.69
CA GLY C 176 -13.55 26.26 1.96
C GLY C 176 -15.06 26.20 2.26
N ALA C 177 -15.68 25.04 2.04
CA ALA C 177 -17.11 24.90 2.27
C ALA C 177 -17.42 24.92 3.76
N LYS C 178 -18.43 25.67 4.14
CA LYS C 178 -18.83 25.75 5.57
C LYS C 178 -19.34 24.37 6.01
N ASP C 179 -18.97 23.97 7.22
CA ASP C 179 -19.41 22.70 7.83
C ASP C 179 -18.94 21.43 7.11
N ILE C 180 -17.88 21.52 6.31
CA ILE C 180 -17.36 20.35 5.63
C ILE C 180 -16.53 19.48 6.58
N GLY C 181 -16.11 20.04 7.70
CA GLY C 181 -15.41 19.23 8.72
C GLY C 181 -13.90 19.46 8.80
N PHE C 182 -13.37 20.29 7.92
CA PHE C 182 -11.96 20.65 7.93
C PHE C 182 -11.77 21.94 7.16
N THR C 183 -10.57 22.51 7.27
CA THR C 183 -10.18 23.67 6.50
C THR C 183 -8.83 23.41 5.81
N GLU C 184 -8.36 24.39 5.02
CA GLU C 184 -7.09 24.26 4.33
C GLU C 184 -5.94 24.04 5.31
N GLU C 185 -6.11 24.49 6.56
CA GLU C 185 -5.06 24.32 7.57
C GLU C 185 -4.88 22.87 8.02
N ASP C 186 -5.87 22.00 7.74
CA ASP C 186 -5.78 20.56 8.03
C ASP C 186 -5.18 19.73 6.89
N LEU C 187 -4.74 20.39 5.82
CA LEU C 187 -4.38 19.70 4.58
C LEU C 187 -2.90 19.77 4.25
N HIS C 188 -2.09 20.17 5.23
CA HIS C 188 -0.63 20.22 5.02
C HIS C 188 -0.02 18.88 5.36
N LEU C 189 -0.43 17.85 4.62
CA LEU C 189 -0.14 16.48 5.00
C LEU C 189 1.22 15.99 4.49
N PRO C 190 2.00 15.34 5.38
CA PRO C 190 3.33 14.84 4.99
C PRO C 190 3.33 13.88 3.82
N GLN C 191 2.31 13.04 3.71
CA GLN C 191 2.22 12.11 2.57
C GLN C 191 2.21 12.90 1.25
N TRP C 192 1.54 14.04 1.25
CA TRP C 192 1.40 14.83 0.03
C TRP C 192 2.67 15.59 -0.28
N MLY C 193 3.33 16.08 0.75
CA MLY C 193 4.58 16.78 0.57
CB MLY C 193 5.18 17.30 1.90
CG MLY C 193 4.33 18.34 2.61
CD MLY C 193 4.91 18.63 3.99
CE MLY C 193 4.11 19.71 4.76
NZ MLY C 193 4.68 19.97 6.09
CH1 MLY C 193 5.77 20.96 5.93
CH2 MLY C 193 3.67 20.59 6.99
C MLY C 193 5.60 15.83 -0.06
O MLY C 193 6.38 16.24 -0.94
N ALA C 194 5.59 14.58 0.40
CA ALA C 194 6.55 13.59 -0.10
C ALA C 194 6.21 13.28 -1.53
N GLN C 195 4.95 13.02 -1.83
N GLN C 195 4.93 13.02 -1.80
CA GLN C 195 4.56 12.68 -3.23
CA GLN C 195 4.48 12.68 -3.17
C GLN C 195 4.90 13.83 -4.18
C GLN C 195 4.81 13.80 -4.17
N GLN C 196 4.66 15.06 -3.74
CA GLN C 196 5.03 16.21 -4.53
C GLN C 196 6.51 16.18 -4.94
N LYS C 197 7.40 16.05 -3.96
CA LYS C 197 8.80 16.08 -4.27
C LYS C 197 9.22 14.88 -5.11
N MSE C 198 8.68 13.71 -4.82
CA MSE C 198 8.94 12.52 -5.66
C MSE C 198 8.55 12.76 -7.09
O MSE C 198 9.29 12.42 -8.02
CB MSE C 198 8.18 11.30 -5.08
CG MSE C 198 8.79 10.78 -3.76
SE MSE C 198 7.67 9.33 -3.06
CE MSE C 198 6.50 10.00 -1.68
N ASN C 199 7.36 13.33 -7.30
CA ASN C 199 6.91 13.68 -8.67
C ASN C 199 7.85 14.72 -9.36
N GLU C 200 8.26 15.74 -8.60
CA GLU C 200 9.09 16.78 -9.15
C GLU C 200 10.46 16.20 -9.63
N GLN C 201 11.00 15.29 -8.83
CA GLN C 201 12.25 14.63 -9.16
C GLN C 201 12.08 13.65 -10.34
N ARG C 202 11.01 12.86 -10.31
CA ARG C 202 10.71 11.90 -11.38
C ARG C 202 10.53 12.62 -12.73
N ASP C 203 9.82 13.73 -12.70
CA ASP C 203 9.45 14.45 -13.92
C ASP C 203 10.33 15.69 -14.24
N ALA C 204 11.46 15.81 -13.52
CA ALA C 204 12.35 16.94 -13.65
C ALA C 204 12.77 17.26 -15.12
N ALA C 205 13.11 16.25 -15.91
CA ALA C 205 13.63 16.53 -17.25
C ALA C 205 12.53 17.12 -18.12
N LEU C 206 11.29 16.72 -17.86
CA LEU C 206 10.14 17.26 -18.58
C LEU C 206 9.79 18.68 -18.14
N LEU C 207 9.81 18.90 -16.86
CA LEU C 207 9.53 20.23 -16.29
C LEU C 207 10.57 21.24 -16.76
N ASP C 208 11.81 20.80 -16.91
N ASP C 208 11.82 20.80 -16.91
CA ASP C 208 12.86 21.67 -17.43
CA ASP C 208 12.87 21.66 -17.44
C ASP C 208 12.60 22.15 -18.87
C ASP C 208 12.53 22.19 -18.83
N LEU C 209 11.82 21.40 -19.63
CA LEU C 209 11.43 21.80 -20.98
C LEU C 209 10.23 22.73 -21.08
N GLU C 210 9.51 22.95 -19.99
CA GLU C 210 8.28 23.81 -20.01
C GLU C 210 8.68 25.28 -19.97
N ASP C 211 8.87 25.85 -21.13
CA ASP C 211 9.25 27.25 -21.24
C ASP C 211 8.93 27.68 -22.65
N TYR C 212 9.10 28.96 -22.92
CA TYR C 212 8.84 29.50 -24.23
C TYR C 212 9.76 28.86 -25.26
N HIS C 213 9.24 28.68 -26.46
CA HIS C 213 10.05 28.20 -27.57
C HIS C 213 11.10 29.23 -27.94
N GLU C 214 12.33 28.81 -28.19
N GLU C 214 12.33 28.79 -28.18
CA GLU C 214 13.38 29.76 -28.62
CA GLU C 214 13.41 29.71 -28.62
C GLU C 214 13.00 30.54 -29.87
C GLU C 214 12.99 30.54 -29.86
N ALA C 215 12.21 29.94 -30.77
CA ALA C 215 11.79 30.63 -32.00
C ALA C 215 10.81 31.75 -31.69
N PHE C 216 10.05 31.61 -30.61
CA PHE C 216 9.07 32.61 -30.21
C PHE C 216 9.80 33.82 -29.71
N TRP C 217 10.83 33.62 -28.87
CA TRP C 217 11.63 34.75 -28.43
C TRP C 217 12.26 35.47 -29.62
N ALA C 218 12.79 34.72 -30.58
CA ALA C 218 13.29 35.35 -31.80
C ALA C 218 12.24 36.23 -32.48
N MLZ C 219 10.99 35.80 -32.52
CA MLZ C 219 9.92 36.63 -33.10
CB MLZ C 219 8.58 35.91 -33.22
CG MLZ C 219 8.72 34.84 -34.31
CD MLZ C 219 7.60 34.81 -35.33
CE MLZ C 219 7.77 33.65 -36.29
NZ MLZ C 219 6.93 33.70 -37.44
CM MLZ C 219 7.15 32.75 -38.52
C MLZ C 219 9.71 37.89 -32.32
O MLZ C 219 9.63 38.98 -32.91
N LEU C 220 9.62 37.78 -31.00
CA LEU C 220 9.39 38.95 -30.14
C LEU C 220 10.54 39.94 -30.16
N ASP C 221 11.75 39.41 -30.09
CA ASP C 221 12.95 40.24 -30.12
C ASP C 221 13.04 41.01 -31.45
N ALA C 222 12.54 40.42 -32.53
CA ALA C 222 12.45 41.09 -33.84
C ALA C 222 11.43 42.22 -33.88
N LEU C 223 10.33 42.09 -33.12
CA LEU C 223 9.41 43.21 -32.89
C LEU C 223 10.02 44.21 -31.89
C1 PEG D . -28.28 -21.84 3.81
O1 PEG D . -28.85 -22.35 5.02
C2 PEG D . -27.52 -22.91 3.03
O2 PEG D . -27.55 -22.71 1.61
C3 PEG D . -28.82 -23.07 1.03
C4 PEG D . -28.72 -23.88 -0.25
O4 PEG D . -30.03 -24.44 -0.55
O1 PG4 E . -9.58 16.71 -35.79
C1 PG4 E . -9.37 17.68 -34.75
C2 PG4 E . -8.57 17.07 -33.61
O2 PG4 E . -8.97 17.67 -32.37
C3 PG4 E . -9.83 16.84 -31.57
C4 PG4 E . -10.59 17.70 -30.56
O3 PG4 E . -11.74 16.99 -30.09
C5 PG4 E . -12.97 17.70 -30.23
C6 PG4 E . -14.14 16.73 -30.44
O4 PG4 E . -13.86 15.83 -31.51
C7 PG4 E . -14.76 15.92 -32.64
C8 PG4 E . -15.23 14.52 -33.04
O5 PG4 E . -14.14 13.61 -33.32
#